data_3G86
#
_entry.id   3G86
#
_cell.length_a   85.915
_cell.length_b   106.169
_cell.length_c   126.940
_cell.angle_alpha   90.00
_cell.angle_beta   90.00
_cell.angle_gamma   90.00
#
_symmetry.space_group_name_H-M   'P 21 21 21'
#
loop_
_entity.id
_entity.type
_entity.pdbx_description
1 polymer 'RNA-directed RNA polymerase'
2 non-polymer N-{3-[6-fluoro-1-(4-fluorobenzyl)-4-hydroxy-2-oxo-1,2-dihydroquinolin-3-yl]-1,1-dioxido-4H-1,4-benzothiazin-7-yl}methanesulfonamide
3 non-polymer 'NICKEL (II) ION'
4 water water
#
_entity_poly.entity_id   1
_entity_poly.type   'polypeptide(L)'
_entity_poly.pdbx_seq_one_letter_code
;MHHHHHHMSYTWTGALITPCAAEESKLPINALSNSLLRHHNMVYATTSRSAGLRQKKVTFDRLQVLDDHYRDVLKEMKAK
ASTVKAKLLSVEEACKLTPPHSAKSKFGYGAKDVRNLSSKAVNHIHSVWKDLLEDTVTPIDTTIMAKNEVFCVQPEKGGR
KPARLIVFPDLGVRVCEKMALYDVVSTLPQVVMGSSYGFQYSPGQRVEFLVNTWKSKKNPMGFSYDTRCFDSTVTENDIR
VEESIYQCCDLAPEARQAIKSLTERLYIGGPLTNSKGQNCGYRRCRASGVLTTSCGNTLTCYLKASAACRAAKLQDCTML
VNGDDLVVICESAGTQEDAASLRVFTEAMTRYSAPPGDPPQPEYDLELITSCSSNVSVAHDASGKRVYYLTRDPTTPLAR
AAWETARHTPVNSWLGNIIMYAPTLWARMILMTHFFSILLAQEQLEKALDCQIYGACYSIEPLDLPQIIERLHGLSAFSL
HSYSPGEINRVASCLRKLGVPPLRVWRHRARSVRARLLSQGGRAATCGKYLFNWAVKTKLKLTPIPAASRLDLSGWFVAG
YSGGDIYHSLSRARPR
;
_entity_poly.pdbx_strand_id   A,B
#
loop_
_chem_comp.id
_chem_comp.type
_chem_comp.name
_chem_comp.formula
NI non-polymer 'NICKEL (II) ION' 'Ni 2'
T18 non-polymer N-{3-[6-fluoro-1-(4-fluorobenzyl)-4-hydroxy-2-oxo-1,2-dihydroquinolin-3-yl]-1,1-dioxido-4H-1,4-benzothiazin-7-yl}methanesulfonamide 'C25 H19 F2 N3 O6 S2'
#
# COMPACT_ATOMS: atom_id res chain seq x y z
N HIS A 7 -4.06 -29.07 33.33
CA HIS A 7 -4.02 -27.87 32.38
C HIS A 7 -5.31 -27.06 32.28
N MET A 8 -5.83 -26.61 33.42
CA MET A 8 -7.10 -25.91 33.46
C MET A 8 -6.90 -24.42 33.20
N SER A 9 -7.80 -23.85 32.41
CA SER A 9 -7.79 -22.41 32.12
C SER A 9 -7.82 -21.53 33.38
N TYR A 10 -8.70 -21.93 34.31
CA TYR A 10 -8.86 -21.28 35.62
C TYR A 10 -9.05 -22.29 36.73
N THR A 11 -8.58 -21.89 37.92
CA THR A 11 -9.01 -22.50 39.18
C THR A 11 -9.69 -21.42 40.03
N TRP A 12 -10.66 -21.82 40.84
CA TRP A 12 -11.44 -20.86 41.63
C TRP A 12 -11.41 -21.16 43.14
N THR A 13 -11.49 -20.11 43.95
CA THR A 13 -11.52 -20.19 45.42
C THR A 13 -12.96 -20.31 45.94
N GLY A 14 -13.90 -19.70 45.24
CA GLY A 14 -15.29 -19.69 45.68
C GLY A 14 -15.72 -18.28 46.00
N ALA A 15 -14.76 -17.35 46.13
CA ALA A 15 -15.06 -15.95 46.29
C ALA A 15 -15.76 -15.42 45.02
N LEU A 16 -16.71 -14.53 45.22
CA LEU A 16 -17.53 -14.01 44.14
C LEU A 16 -16.87 -12.84 43.40
N ILE A 17 -17.20 -12.74 42.11
CA ILE A 17 -16.80 -11.62 41.29
C ILE A 17 -17.78 -10.52 41.64
N THR A 18 -17.25 -9.39 42.08
CA THR A 18 -18.02 -8.35 42.73
C THR A 18 -18.02 -7.09 41.87
N PRO A 19 -19.12 -6.33 41.89
CA PRO A 19 -19.16 -5.05 41.16
C PRO A 19 -18.41 -3.93 41.87
N CYS A 20 -17.96 -2.94 41.10
N CYS A 20 -17.98 -2.92 41.11
CA CYS A 20 -17.35 -1.71 41.66
CA CYS A 20 -17.33 -1.73 41.68
C CYS A 20 -18.40 -0.67 42.04
C CYS A 20 -18.32 -0.56 41.84
N ALA A 21 -19.57 -0.76 41.42
CA ALA A 21 -20.63 0.26 41.58
C ALA A 21 -21.98 -0.41 41.31
N ALA A 22 -23.07 0.34 41.45
CA ALA A 22 -24.41 -0.21 41.18
C ALA A 22 -24.54 -0.56 39.69
N GLU A 23 -25.25 -1.67 39.43
CA GLU A 23 -25.42 -2.21 38.08
C GLU A 23 -26.90 -2.29 37.71
N GLU A 24 -27.27 -1.63 36.62
CA GLU A 24 -28.62 -1.77 36.08
C GLU A 24 -28.66 -2.86 35.03
N SER A 25 -29.67 -3.71 35.10
CA SER A 25 -29.89 -4.75 34.10
C SER A 25 -31.07 -4.42 33.16
N LYS A 26 -32.03 -3.63 33.63
CA LYS A 26 -33.20 -3.25 32.82
C LYS A 26 -32.91 -1.96 32.09
N LEU A 27 -33.39 -1.84 30.85
CA LEU A 27 -33.30 -0.60 30.08
C LEU A 27 -33.87 0.63 30.83
N PRO A 28 -33.03 1.64 31.12
CA PRO A 28 -33.52 2.92 31.67
C PRO A 28 -34.31 3.70 30.64
N ILE A 29 -35.43 4.25 31.09
CA ILE A 29 -36.41 4.90 30.24
C ILE A 29 -36.39 6.41 30.55
N ASN A 30 -36.35 7.23 29.50
CA ASN A 30 -36.59 8.67 29.66
C ASN A 30 -37.62 9.15 28.62
N ALA A 31 -37.74 10.47 28.40
CA ALA A 31 -38.76 11.01 27.48
C ALA A 31 -38.43 10.73 26.02
N LEU A 32 -37.17 10.43 25.73
CA LEU A 32 -36.68 10.15 24.37
C LEU A 32 -36.78 8.67 23.94
N SER A 33 -36.90 7.79 24.94
CA SER A 33 -36.90 6.35 24.73
C SER A 33 -37.88 5.85 23.67
N ASN A 34 -39.18 6.10 23.87
CA ASN A 34 -40.22 5.62 22.96
C ASN A 34 -40.09 6.10 21.49
N SER A 35 -39.46 7.26 21.27
CA SER A 35 -39.20 7.70 19.91
C SER A 35 -38.19 6.80 19.17
N LEU A 36 -37.35 6.06 19.89
CA LEU A 36 -36.50 5.06 19.26
C LEU A 36 -37.14 3.64 19.22
N LEU A 37 -37.61 3.18 20.37
CA LEU A 37 -37.91 1.78 20.62
C LEU A 37 -39.08 1.70 21.62
N ARG A 38 -40.09 0.90 21.31
CA ARG A 38 -41.21 0.65 22.24
C ARG A 38 -41.01 -0.61 23.08
N HIS A 39 -40.35 -1.65 22.57
CA HIS A 39 -40.29 -2.92 23.33
C HIS A 39 -39.11 -2.99 24.26
N HIS A 40 -39.23 -2.26 25.37
CA HIS A 40 -38.16 -2.05 26.32
C HIS A 40 -37.72 -3.30 27.03
N ASN A 41 -38.63 -4.26 27.21
CA ASN A 41 -38.29 -5.49 27.92
C ASN A 41 -37.38 -6.44 27.11
N MET A 42 -37.21 -6.16 25.81
CA MET A 42 -36.25 -6.88 24.96
C MET A 42 -34.79 -6.56 25.24
N VAL A 43 -34.51 -5.42 25.88
CA VAL A 43 -33.15 -4.93 26.02
C VAL A 43 -32.69 -5.08 27.46
N TYR A 44 -31.44 -5.51 27.65
CA TYR A 44 -30.86 -5.67 28.98
C TYR A 44 -29.35 -5.46 28.96
N ALA A 45 -28.78 -5.23 30.13
CA ALA A 45 -27.33 -5.19 30.28
C ALA A 45 -26.90 -6.37 31.16
N THR A 46 -25.70 -6.90 30.92
CA THR A 46 -25.17 -7.93 31.78
C THR A 46 -24.62 -7.31 33.07
N THR A 47 -24.57 -8.10 34.13
CA THR A 47 -24.09 -7.65 35.44
C THR A 47 -23.32 -8.79 36.12
N SER A 48 -22.69 -8.48 37.25
CA SER A 48 -21.95 -9.49 38.02
C SER A 48 -22.82 -10.67 38.49
N ARG A 49 -24.15 -10.49 38.51
CA ARG A 49 -25.06 -11.55 38.98
C ARG A 49 -24.95 -12.83 38.16
N SER A 50 -24.55 -12.71 36.89
CA SER A 50 -24.31 -13.84 35.96
C SER A 50 -22.83 -14.29 35.83
N ALA A 51 -21.93 -13.67 36.61
CA ALA A 51 -20.50 -13.95 36.52
C ALA A 51 -20.18 -15.43 36.74
N GLY A 52 -20.90 -16.07 37.68
CA GLY A 52 -20.74 -17.49 37.95
C GLY A 52 -20.98 -18.43 36.80
N LEU A 53 -22.00 -18.13 35.99
CA LEU A 53 -22.25 -18.90 34.77
C LEU A 53 -21.12 -18.75 33.74
N ARG A 54 -20.56 -17.54 33.62
CA ARG A 54 -19.42 -17.29 32.74
C ARG A 54 -18.16 -18.01 33.24
N GLN A 55 -17.94 -18.01 34.56
CA GLN A 55 -16.82 -18.73 35.17
C GLN A 55 -16.85 -20.18 34.70
N LYS A 56 -18.02 -20.79 34.82
CA LYS A 56 -18.25 -22.17 34.39
C LYS A 56 -17.97 -22.39 32.91
N LYS A 57 -18.42 -21.45 32.09
CA LYS A 57 -18.23 -21.53 30.64
C LYS A 57 -16.73 -21.48 30.26
N VAL A 58 -15.96 -20.60 30.90
CA VAL A 58 -14.56 -20.35 30.52
C VAL A 58 -13.53 -21.28 31.18
N THR A 59 -13.99 -22.22 32.01
CA THR A 59 -13.13 -23.11 32.79
C THR A 59 -13.17 -24.51 32.19
N PHE A 60 -12.07 -24.88 31.53
CA PHE A 60 -11.91 -26.22 30.98
C PHE A 60 -10.44 -26.61 30.81
N ASP A 61 -10.23 -27.91 30.63
CA ASP A 61 -8.91 -28.51 30.42
C ASP A 61 -8.51 -28.29 28.97
N ARG A 62 -7.28 -27.87 28.74
CA ARG A 62 -6.77 -27.73 27.39
C ARG A 62 -5.71 -28.81 27.11
N LEU A 63 -5.87 -29.46 25.97
CA LEU A 63 -4.92 -30.42 25.43
C LEU A 63 -4.42 -29.84 24.12
N GLN A 64 -3.14 -29.98 23.87
CA GLN A 64 -2.51 -29.41 22.70
C GLN A 64 -1.54 -30.43 22.08
N VAL A 65 -1.77 -30.77 20.80
CA VAL A 65 -0.86 -31.62 20.05
C VAL A 65 -0.31 -30.83 18.85
N LEU A 66 1.00 -30.69 18.78
CA LEU A 66 1.67 -29.77 17.83
C LEU A 66 2.53 -30.57 16.86
N ASP A 67 2.21 -30.41 15.58
CA ASP A 67 2.79 -31.15 14.48
C ASP A 67 3.71 -30.28 13.62
N ASP A 68 4.20 -30.85 12.52
CA ASP A 68 5.18 -30.19 11.67
C ASP A 68 4.66 -28.96 10.92
N HIS A 69 3.41 -29.01 10.45
CA HIS A 69 2.77 -27.82 9.87
C HIS A 69 2.79 -26.60 10.82
N TYR A 70 2.52 -26.84 12.11
CA TYR A 70 2.54 -25.81 13.13
C TYR A 70 3.93 -25.20 13.26
N ARG A 71 4.95 -26.05 13.31
CA ARG A 71 6.35 -25.60 13.43
C ARG A 71 6.87 -24.94 12.15
N ASP A 72 6.45 -25.42 11.00
CA ASP A 72 6.81 -24.77 9.75
C ASP A 72 6.24 -23.35 9.66
N VAL A 73 4.95 -23.20 9.93
CA VAL A 73 4.36 -21.86 9.95
C VAL A 73 5.09 -20.96 10.97
N LEU A 74 5.32 -21.46 12.20
CA LEU A 74 5.99 -20.65 13.21
C LEU A 74 7.38 -20.19 12.73
N LYS A 75 8.18 -21.10 12.15
CA LYS A 75 9.47 -20.70 11.58
C LYS A 75 9.38 -19.50 10.59
N GLU A 76 8.39 -19.52 9.71
CA GLU A 76 8.19 -18.44 8.74
C GLU A 76 7.75 -17.12 9.39
N MET A 77 6.87 -17.23 10.37
CA MET A 77 6.48 -16.05 11.15
C MET A 77 7.69 -15.41 11.85
N LYS A 78 8.54 -16.24 12.47
CA LYS A 78 9.73 -15.77 13.16
C LYS A 78 10.74 -15.10 12.22
N ALA A 79 10.86 -15.64 11.01
CA ALA A 79 11.74 -15.03 9.96
C ALA A 79 11.30 -13.61 9.57
N LYS A 80 10.00 -13.41 9.45
CA LYS A 80 9.42 -12.08 9.24
C LYS A 80 9.57 -11.21 10.49
N ALA A 81 9.31 -11.77 11.68
CA ALA A 81 9.46 -11.06 12.95
C ALA A 81 10.89 -10.52 13.11
N SER A 82 11.87 -11.21 12.57
CA SER A 82 13.28 -10.83 12.70
C SER A 82 13.64 -9.55 11.95
N THR A 83 12.78 -9.11 11.04
CA THR A 83 13.00 -7.88 10.29
C THR A 83 12.44 -6.65 11.03
N VAL A 84 11.74 -6.85 12.15
CA VAL A 84 11.12 -5.76 12.87
C VAL A 84 12.13 -5.16 13.82
N LYS A 85 12.18 -3.83 13.83
CA LYS A 85 12.87 -3.07 14.86
C LYS A 85 11.81 -2.28 15.59
N ALA A 86 11.81 -2.40 16.91
CA ALA A 86 10.82 -1.74 17.76
C ALA A 86 11.59 -0.97 18.80
N LYS A 87 10.99 0.11 19.29
CA LYS A 87 11.62 0.96 20.27
C LYS A 87 10.87 0.96 21.59
N LEU A 88 11.60 1.32 22.63
CA LEU A 88 11.03 1.59 23.93
C LEU A 88 10.26 2.94 23.89
N LEU A 89 9.08 2.98 24.48
CA LEU A 89 8.41 4.27 24.72
C LEU A 89 8.95 4.87 26.02
N SER A 90 9.05 6.19 26.02
CA SER A 90 9.42 6.91 27.23
C SER A 90 8.24 6.89 28.15
N VAL A 91 8.49 7.17 29.41
CA VAL A 91 7.43 7.23 30.40
C VAL A 91 6.32 8.18 29.94
N GLU A 92 6.67 9.35 29.43
CA GLU A 92 5.63 10.32 29.07
C GLU A 92 4.86 9.95 27.82
N GLU A 93 5.53 9.37 26.81
CA GLU A 93 4.80 8.87 25.65
C GLU A 93 3.77 7.83 26.09
N ALA A 94 4.20 6.91 26.94
CA ALA A 94 3.34 5.85 27.40
C ALA A 94 2.20 6.46 28.23
N CYS A 95 2.49 7.47 29.05
CA CYS A 95 1.47 8.14 29.87
C CYS A 95 0.39 8.81 29.03
N LYS A 96 0.79 9.50 27.96
CA LYS A 96 -0.17 10.16 27.06
C LYS A 96 -1.03 9.19 26.24
N LEU A 97 -0.68 7.90 26.24
CA LEU A 97 -1.55 6.88 25.62
C LEU A 97 -2.65 6.33 26.54
N THR A 98 -2.70 6.82 27.79
CA THR A 98 -3.63 6.30 28.80
C THR A 98 -4.98 7.03 28.68
N PRO A 99 -6.10 6.29 28.55
CA PRO A 99 -7.44 6.90 28.58
C PRO A 99 -7.72 7.71 29.86
N PRO A 100 -8.30 8.93 29.69
CA PRO A 100 -8.72 9.79 30.82
C PRO A 100 -9.59 9.12 31.88
N HIS A 101 -10.42 8.17 31.49
N HIS A 101 -10.36 8.13 31.45
CA HIS A 101 -11.27 7.47 32.45
CA HIS A 101 -11.32 7.39 32.28
C HIS A 101 -10.84 5.98 32.65
C HIS A 101 -10.83 5.99 32.67
N SER A 102 -9.55 5.71 32.45
CA SER A 102 -8.96 4.40 32.78
C SER A 102 -8.97 4.17 34.31
N ALA A 103 -9.12 2.90 34.73
CA ALA A 103 -9.19 2.54 36.16
C ALA A 103 -7.98 3.07 36.93
N LYS A 104 -8.24 3.73 38.07
CA LYS A 104 -7.20 4.29 38.91
C LYS A 104 -6.32 3.21 39.53
N SER A 105 -5.08 3.57 39.85
CA SER A 105 -4.16 2.69 40.55
C SER A 105 -4.62 2.44 42.00
N LYS A 106 -4.25 1.27 42.55
CA LYS A 106 -4.43 0.94 43.98
C LYS A 106 -3.43 1.72 44.84
N PHE A 107 -2.39 2.29 44.21
CA PHE A 107 -1.31 2.97 44.90
C PHE A 107 -1.48 4.50 44.94
N GLY A 108 -2.72 4.96 45.05
CA GLY A 108 -3.02 6.36 45.32
C GLY A 108 -2.70 7.32 44.19
N TYR A 109 -3.18 7.00 42.97
CA TYR A 109 -3.11 7.92 41.84
C TYR A 109 -4.02 7.40 40.75
N GLY A 110 -4.44 8.29 39.86
CA GLY A 110 -5.41 7.93 38.82
C GLY A 110 -4.94 8.20 37.39
N ALA A 111 -5.84 7.97 36.44
CA ALA A 111 -5.55 8.15 35.01
C ALA A 111 -5.21 9.60 34.62
N LYS A 112 -5.81 10.57 35.29
CA LYS A 112 -5.51 11.97 35.02
C LYS A 112 -4.16 12.41 35.59
N ASP A 113 -3.73 11.80 36.70
CA ASP A 113 -2.39 12.05 37.27
C ASP A 113 -1.28 11.50 36.39
N VAL A 114 -1.54 10.34 35.80
CA VAL A 114 -0.65 9.72 34.82
C VAL A 114 -0.52 10.63 33.60
N ARG A 115 -1.65 11.08 33.07
CA ARG A 115 -1.63 11.92 31.88
C ARG A 115 -1.00 13.28 32.11
N ASN A 116 -1.06 13.77 33.34
CA ASN A 116 -0.40 15.03 33.73
C ASN A 116 1.06 14.85 34.18
N LEU A 117 1.53 13.59 34.16
CA LEU A 117 2.88 13.29 34.55
C LEU A 117 3.16 13.79 35.95
N SER A 118 2.17 13.71 36.82
CA SER A 118 2.32 14.08 38.22
C SER A 118 3.40 13.21 38.83
N SER A 119 4.01 13.69 39.90
CA SER A 119 5.21 13.06 40.46
C SER A 119 4.96 11.68 41.09
N LYS A 120 3.86 11.52 41.82
CA LYS A 120 3.56 10.25 42.48
C LYS A 120 3.24 9.12 41.47
N ALA A 121 2.53 9.48 40.39
CA ALA A 121 2.26 8.55 39.27
C ALA A 121 3.58 8.15 38.60
N VAL A 122 4.35 9.14 38.16
CA VAL A 122 5.60 8.87 37.46
C VAL A 122 6.59 8.08 38.35
N ASN A 123 6.72 8.49 39.62
CA ASN A 123 7.50 7.76 40.64
C ASN A 123 7.14 6.27 40.76
N HIS A 124 5.85 5.99 40.89
CA HIS A 124 5.39 4.59 41.00
C HIS A 124 5.69 3.80 39.73
N ILE A 125 5.38 4.38 38.57
CA ILE A 125 5.69 3.77 37.27
C ILE A 125 7.17 3.36 37.18
N HIS A 126 8.10 4.25 37.56
CA HIS A 126 9.54 3.91 37.54
C HIS A 126 9.89 2.75 38.48
N SER A 127 9.16 2.61 39.59
CA SER A 127 9.42 1.53 40.55
C SER A 127 8.91 0.19 40.04
N VAL A 128 7.77 0.23 39.34
CA VAL A 128 7.22 -0.96 38.66
C VAL A 128 8.19 -1.45 37.57
N TRP A 129 8.72 -0.51 36.79
CA TRP A 129 9.66 -0.83 35.70
C TRP A 129 10.92 -1.46 36.27
N LYS A 130 11.52 -0.80 37.26
CA LYS A 130 12.69 -1.34 37.97
C LYS A 130 12.42 -2.74 38.48
N ASP A 131 11.26 -2.95 39.11
CA ASP A 131 10.88 -4.28 39.63
C ASP A 131 10.75 -5.30 38.51
N LEU A 132 10.18 -4.92 37.36
CA LEU A 132 10.07 -5.81 36.20
C LEU A 132 11.46 -6.29 35.73
N LEU A 133 12.41 -5.37 35.76
CA LEU A 133 13.78 -5.70 35.37
C LEU A 133 14.49 -6.65 36.35
N GLU A 134 14.22 -6.54 37.66
CA GLU A 134 14.97 -7.36 38.67
C GLU A 134 14.34 -8.73 38.93
N ASP A 135 13.02 -8.80 38.84
CA ASP A 135 12.23 -9.97 39.20
C ASP A 135 11.47 -10.51 37.97
N THR A 136 11.82 -11.73 37.54
CA THR A 136 11.18 -12.34 36.37
C THR A 136 10.31 -13.55 36.76
N VAL A 137 9.88 -13.62 38.02
CA VAL A 137 9.23 -14.84 38.56
C VAL A 137 7.90 -14.59 39.29
N THR A 138 7.77 -13.49 40.03
CA THR A 138 6.63 -13.35 40.93
C THR A 138 5.36 -12.99 40.15
N PRO A 139 4.34 -13.86 40.20
CA PRO A 139 3.10 -13.52 39.50
C PRO A 139 2.54 -12.13 39.87
N ILE A 140 2.10 -11.40 38.87
CA ILE A 140 1.55 -10.06 39.06
C ILE A 140 0.03 -10.18 39.29
N ASP A 141 -0.46 -9.42 40.27
CA ASP A 141 -1.88 -9.39 40.61
C ASP A 141 -2.73 -8.79 39.48
N THR A 142 -3.93 -9.33 39.31
CA THR A 142 -4.89 -8.79 38.38
C THR A 142 -6.20 -8.62 39.11
N THR A 143 -6.97 -7.61 38.69
CA THR A 143 -8.39 -7.52 39.09
C THR A 143 -9.26 -8.28 38.10
N ILE A 144 -10.27 -8.97 38.60
CA ILE A 144 -11.26 -9.59 37.72
C ILE A 144 -12.64 -8.94 37.94
N MET A 145 -13.29 -8.54 36.84
CA MET A 145 -14.59 -7.86 36.86
C MET A 145 -15.55 -8.44 35.81
N ALA A 146 -16.84 -8.39 36.10
CA ALA A 146 -17.88 -8.61 35.08
C ALA A 146 -18.09 -7.34 34.29
N LYS A 147 -18.05 -7.46 32.97
CA LYS A 147 -18.33 -6.35 32.08
C LYS A 147 -19.84 -6.14 32.03
N ASN A 148 -20.28 -4.89 32.04
CA ASN A 148 -21.69 -4.59 31.86
C ASN A 148 -21.87 -4.18 30.41
N GLU A 149 -22.49 -5.05 29.61
CA GLU A 149 -22.73 -4.76 28.19
C GLU A 149 -24.19 -4.99 27.85
N VAL A 150 -24.69 -4.22 26.87
CA VAL A 150 -26.11 -4.21 26.50
C VAL A 150 -26.40 -5.10 25.26
N PHE A 151 -27.39 -5.99 25.38
CA PHE A 151 -27.85 -6.80 24.27
C PHE A 151 -29.36 -6.78 24.14
N CYS A 152 -29.85 -7.39 23.08
CA CYS A 152 -31.27 -7.75 22.93
C CYS A 152 -31.41 -9.25 23.25
N VAL A 153 -32.54 -9.64 23.83
CA VAL A 153 -32.75 -11.03 24.27
C VAL A 153 -32.75 -12.02 23.07
N GLN A 154 -32.03 -13.14 23.25
CA GLN A 154 -31.69 -14.10 22.16
C GLN A 154 -31.10 -13.41 20.94
N ARG A 160 -30.64 -14.43 27.12
CA ARG A 160 -29.71 -13.67 27.96
C ARG A 160 -28.31 -14.30 28.10
N LYS A 161 -27.29 -13.50 27.80
CA LYS A 161 -25.91 -13.90 27.93
C LYS A 161 -25.42 -13.51 29.31
N PRO A 162 -24.56 -14.35 29.92
CA PRO A 162 -23.85 -13.91 31.11
C PRO A 162 -22.78 -12.87 30.75
N ALA A 163 -22.43 -12.06 31.75
CA ALA A 163 -21.42 -11.04 31.61
C ALA A 163 -20.12 -11.66 31.11
N ARG A 164 -19.45 -10.97 30.20
CA ARG A 164 -18.07 -11.33 29.84
C ARG A 164 -17.18 -10.90 31.02
N LEU A 165 -15.99 -11.50 31.13
CA LEU A 165 -15.06 -11.17 32.21
C LEU A 165 -13.85 -10.42 31.68
N ILE A 166 -13.41 -9.42 32.43
CA ILE A 166 -12.24 -8.66 32.10
C ILE A 166 -11.23 -8.86 33.23
N VAL A 167 -10.01 -9.19 32.85
CA VAL A 167 -8.91 -9.36 33.76
C VAL A 167 -7.84 -8.39 33.36
N PHE A 168 -7.47 -7.49 34.27
CA PHE A 168 -6.44 -6.47 34.02
C PHE A 168 -5.54 -6.25 35.23
N PRO A 169 -4.24 -5.93 34.99
CA PRO A 169 -3.33 -5.53 36.06
C PRO A 169 -3.50 -4.07 36.44
N ASP A 170 -2.71 -3.61 37.40
CA ASP A 170 -2.78 -2.23 37.90
C ASP A 170 -2.29 -1.22 36.87
N LEU A 171 -2.79 0.01 36.96
CA LEU A 171 -2.42 1.10 36.04
C LEU A 171 -0.92 1.30 35.90
N GLY A 172 -0.16 1.17 36.99
CA GLY A 172 1.29 1.30 36.91
C GLY A 172 1.90 0.27 35.98
N VAL A 173 1.39 -0.96 36.03
CA VAL A 173 1.87 -2.05 35.18
C VAL A 173 1.46 -1.78 33.74
N ARG A 174 0.24 -1.30 33.53
CA ARG A 174 -0.27 -1.03 32.19
C ARG A 174 0.57 -0.01 31.44
N VAL A 175 1.00 1.03 32.13
CA VAL A 175 1.88 2.06 31.56
C VAL A 175 3.25 1.45 31.16
N CYS A 176 3.77 0.55 31.98
CA CYS A 176 4.97 -0.22 31.68
C CYS A 176 4.84 -1.14 30.46
N GLU A 177 3.70 -1.82 30.32
CA GLU A 177 3.43 -2.59 29.11
C GLU A 177 3.56 -1.72 27.84
N LYS A 178 3.01 -0.51 27.88
CA LYS A 178 3.18 0.47 26.79
C LYS A 178 4.65 0.79 26.51
N MET A 179 5.43 0.99 27.56
CA MET A 179 6.84 1.31 27.36
C MET A 179 7.57 0.17 26.64
N ALA A 180 7.35 -1.06 27.08
CA ALA A 180 8.04 -2.24 26.53
C ALA A 180 7.49 -2.68 25.15
N LEU A 181 6.16 -2.56 24.98
CA LEU A 181 5.47 -3.32 23.94
C LEU A 181 4.58 -2.54 22.94
N TYR A 182 4.24 -1.27 23.22
CA TYR A 182 3.37 -0.49 22.31
C TYR A 182 3.83 -0.47 20.83
N ASP A 183 5.11 -0.20 20.62
CA ASP A 183 5.71 -0.18 19.27
C ASP A 183 5.72 -1.58 18.63
N VAL A 184 6.01 -2.62 19.43
CA VAL A 184 5.94 -4.00 18.94
C VAL A 184 4.53 -4.39 18.47
N VAL A 185 3.52 -4.24 19.33
CA VAL A 185 2.16 -4.72 19.00
C VAL A 185 1.48 -3.87 17.89
N SER A 186 1.99 -2.66 17.72
CA SER A 186 1.56 -1.74 16.66
C SER A 186 2.17 -2.08 15.31
N THR A 187 3.40 -2.58 15.30
CA THR A 187 4.19 -2.77 14.07
C THR A 187 4.31 -4.21 13.59
N LEU A 188 4.52 -5.13 14.52
N LEU A 188 4.52 -5.14 14.51
CA LEU A 188 4.87 -6.52 14.20
CA LEU A 188 4.87 -6.53 14.20
C LEU A 188 3.80 -7.29 13.41
C LEU A 188 3.80 -7.30 13.42
N PRO A 189 2.52 -7.20 13.82
CA PRO A 189 1.47 -7.97 13.16
C PRO A 189 1.38 -7.83 11.62
N GLN A 190 1.44 -6.60 11.11
CA GLN A 190 1.43 -6.40 9.65
C GLN A 190 2.72 -6.91 8.98
N VAL A 191 3.83 -6.92 9.70
CA VAL A 191 5.03 -7.46 9.11
C VAL A 191 4.92 -8.98 8.98
N VAL A 192 4.38 -9.63 10.00
CA VAL A 192 4.35 -11.08 10.06
C VAL A 192 3.24 -11.66 9.18
N MET A 193 2.09 -10.98 9.13
CA MET A 193 0.89 -11.49 8.44
C MET A 193 0.58 -10.77 7.13
N GLY A 194 1.26 -9.66 6.84
CA GLY A 194 0.98 -8.87 5.65
C GLY A 194 -0.50 -8.53 5.51
N SER A 195 -1.07 -8.80 4.32
CA SER A 195 -2.43 -8.38 3.95
C SER A 195 -3.52 -9.08 4.77
N SER A 196 -3.14 -10.19 5.41
CA SER A 196 -4.04 -10.98 6.27
C SER A 196 -4.34 -10.32 7.63
N TYR A 197 -3.51 -9.36 8.04
CA TYR A 197 -3.75 -8.63 9.29
C TYR A 197 -4.89 -7.62 9.12
N GLY A 198 -6.00 -7.89 9.78
CA GLY A 198 -7.23 -7.15 9.55
C GLY A 198 -7.28 -5.73 10.06
N PHE A 199 -6.52 -5.45 11.11
CA PHE A 199 -6.71 -4.19 11.83
C PHE A 199 -6.03 -3.01 11.10
N GLN A 200 -5.30 -3.30 10.02
CA GLN A 200 -4.72 -2.26 9.18
C GLN A 200 -5.72 -1.59 8.23
N TYR A 201 -6.97 -2.07 8.19
CA TYR A 201 -7.95 -1.67 7.21
C TYR A 201 -9.07 -0.80 7.77
N SER A 202 -9.30 0.34 7.11
CA SER A 202 -10.52 1.10 7.30
C SER A 202 -11.65 0.26 6.77
N PRO A 203 -12.90 0.61 7.09
CA PRO A 203 -14.00 -0.18 6.49
C PRO A 203 -14.02 -0.20 4.94
N GLY A 204 -13.70 0.90 4.29
CA GLY A 204 -13.58 0.89 2.83
C GLY A 204 -12.55 -0.10 2.33
N GLN A 205 -11.41 -0.13 3.00
CA GLN A 205 -10.32 -1.03 2.61
C GLN A 205 -10.62 -2.48 2.94
N ARG A 206 -11.34 -2.74 4.02
CA ARG A 206 -11.76 -4.11 4.32
C ARG A 206 -12.67 -4.69 3.27
N VAL A 207 -13.66 -3.92 2.82
CA VAL A 207 -14.62 -4.44 1.83
C VAL A 207 -13.93 -4.74 0.48
N GLU A 208 -13.04 -3.85 0.05
CA GLU A 208 -12.27 -3.97 -1.16
C GLU A 208 -11.41 -5.23 -1.10
N PHE A 209 -10.71 -5.41 0.02
CA PHE A 209 -9.91 -6.63 0.26
C PHE A 209 -10.75 -7.91 0.15
N LEU A 210 -11.91 -7.95 0.80
CA LEU A 210 -12.76 -9.14 0.76
C LEU A 210 -13.28 -9.39 -0.63
N VAL A 211 -13.73 -8.34 -1.30
CA VAL A 211 -14.29 -8.47 -2.65
C VAL A 211 -13.19 -8.84 -3.66
N ASN A 212 -12.03 -8.20 -3.58
CA ASN A 212 -10.96 -8.50 -4.51
C ASN A 212 -10.46 -9.91 -4.34
N THR A 213 -10.49 -10.41 -3.08
CA THR A 213 -10.08 -11.79 -2.75
C THR A 213 -11.09 -12.76 -3.27
N TRP A 214 -12.36 -12.47 -3.02
CA TRP A 214 -13.43 -13.32 -3.56
C TRP A 214 -13.27 -13.42 -5.08
N LYS A 215 -13.12 -12.26 -5.73
CA LYS A 215 -12.97 -12.16 -7.18
C LYS A 215 -11.71 -12.84 -7.69
N SER A 216 -10.67 -12.95 -6.87
CA SER A 216 -9.41 -13.54 -7.32
C SER A 216 -9.45 -15.06 -7.49
N LYS A 217 -10.54 -15.72 -7.10
CA LYS A 217 -10.62 -17.18 -7.14
C LYS A 217 -11.51 -17.59 -8.32
N LYS A 218 -11.11 -18.62 -9.09
CA LYS A 218 -11.92 -19.07 -10.23
C LYS A 218 -13.29 -19.46 -9.74
N ASN A 219 -13.32 -20.21 -8.64
CA ASN A 219 -14.56 -20.71 -8.05
C ASN A 219 -14.44 -20.60 -6.51
N PRO A 220 -14.90 -19.47 -5.95
CA PRO A 220 -14.64 -19.15 -4.56
C PRO A 220 -15.52 -19.88 -3.54
N MET A 221 -14.91 -20.15 -2.38
CA MET A 221 -15.61 -20.67 -1.23
C MET A 221 -14.97 -19.99 -0.04
N GLY A 222 -15.79 -19.60 0.93
CA GLY A 222 -15.28 -19.01 2.14
C GLY A 222 -16.01 -19.53 3.35
N PHE A 223 -15.39 -19.35 4.50
CA PHE A 223 -16.00 -19.70 5.78
C PHE A 223 -15.40 -18.82 6.88
N SER A 224 -16.24 -18.49 7.86
CA SER A 224 -15.77 -17.95 9.13
C SER A 224 -15.49 -19.13 10.06
N TYR A 225 -14.54 -18.94 10.99
CA TYR A 225 -14.27 -19.93 12.02
C TYR A 225 -14.47 -19.37 13.42
N ASP A 226 -15.42 -19.93 14.15
CA ASP A 226 -15.71 -19.44 15.50
C ASP A 226 -15.09 -20.38 16.55
N THR A 227 -14.07 -19.89 17.26
CA THR A 227 -13.44 -20.62 18.35
C THR A 227 -14.29 -20.42 19.62
N ARG A 228 -14.65 -21.50 20.27
CA ARG A 228 -15.37 -21.44 21.52
C ARG A 228 -14.38 -20.83 22.54
N CYS A 229 -14.71 -19.65 23.07
N CYS A 229 -14.72 -19.65 23.05
CA CYS A 229 -13.95 -19.04 24.15
CA CYS A 229 -13.98 -19.00 24.13
C CYS A 229 -12.45 -18.92 23.86
C CYS A 229 -12.47 -18.94 23.85
N PHE A 230 -12.10 -18.30 22.74
CA PHE A 230 -10.70 -18.23 22.31
C PHE A 230 -9.72 -17.95 23.46
N ASP A 231 -9.99 -16.91 24.27
CA ASP A 231 -9.11 -16.49 25.36
C ASP A 231 -8.71 -17.64 26.29
N SER A 232 -9.68 -18.48 26.64
CA SER A 232 -9.50 -19.65 27.48
C SER A 232 -8.79 -20.81 26.79
N THR A 233 -8.79 -20.84 25.46
CA THR A 233 -8.08 -21.89 24.72
C THR A 233 -6.58 -21.63 24.65
N VAL A 234 -6.19 -20.37 24.88
CA VAL A 234 -4.79 -19.97 24.81
C VAL A 234 -4.02 -20.59 26.00
N THR A 235 -3.03 -21.43 25.67
CA THR A 235 -2.24 -22.17 26.64
C THR A 235 -0.95 -21.45 27.01
N GLU A 236 -0.26 -21.91 28.05
CA GLU A 236 1.08 -21.39 28.40
C GLU A 236 2.04 -21.47 27.21
N ASN A 237 1.97 -22.57 26.47
CA ASN A 237 2.77 -22.74 25.28
C ASN A 237 2.52 -21.64 24.26
N ASP A 238 1.24 -21.38 24.00
CA ASP A 238 0.86 -20.35 23.03
C ASP A 238 1.48 -19.01 23.39
N ILE A 239 1.48 -18.68 24.67
CA ILE A 239 1.92 -17.39 25.20
C ILE A 239 3.44 -17.26 25.26
N ARG A 240 4.14 -18.36 25.57
CA ARG A 240 5.61 -18.45 25.35
C ARG A 240 6.00 -18.38 23.87
N VAL A 241 5.23 -19.02 23.02
CA VAL A 241 5.44 -18.91 21.58
C VAL A 241 5.31 -17.44 21.10
N GLU A 242 4.32 -16.69 21.57
CA GLU A 242 4.21 -15.26 21.22
C GLU A 242 5.45 -14.47 21.65
N GLU A 243 5.87 -14.68 22.88
CA GLU A 243 7.11 -14.10 23.37
C GLU A 243 8.35 -14.39 22.53
N SER A 244 8.48 -15.60 22.00
CA SER A 244 9.59 -15.96 21.13
C SER A 244 9.53 -15.16 19.83
N ILE A 245 8.32 -14.86 19.38
CA ILE A 245 8.09 -14.03 18.20
C ILE A 245 8.47 -12.57 18.52
N TYR A 246 7.94 -12.02 19.61
CA TYR A 246 8.33 -10.66 20.02
C TYR A 246 9.86 -10.50 20.11
N GLN A 247 10.54 -11.52 20.66
CA GLN A 247 11.98 -11.49 20.89
C GLN A 247 12.77 -11.64 19.60
N CYS A 248 12.15 -12.03 18.50
CA CYS A 248 12.81 -11.98 17.19
C CYS A 248 13.05 -10.55 16.72
N CYS A 249 12.29 -9.60 17.23
CA CYS A 249 12.50 -8.19 16.85
C CYS A 249 13.87 -7.67 17.30
N ASP A 250 14.36 -6.67 16.59
CA ASP A 250 15.51 -5.89 17.05
C ASP A 250 15.02 -4.93 18.14
N LEU A 251 15.40 -5.23 19.38
CA LEU A 251 14.92 -4.57 20.58
C LEU A 251 16.10 -4.12 21.45
N ALA A 252 15.93 -3.02 22.16
CA ALA A 252 16.85 -2.64 23.22
C ALA A 252 16.89 -3.77 24.25
N PRO A 253 18.06 -4.04 24.88
CA PRO A 253 18.19 -5.09 25.90
C PRO A 253 17.22 -4.94 27.10
N GLU A 254 16.97 -3.72 27.52
CA GLU A 254 15.96 -3.41 28.53
C GLU A 254 14.53 -3.78 28.12
N ALA A 255 14.18 -3.60 26.85
CA ALA A 255 12.89 -4.05 26.32
C ALA A 255 12.75 -5.56 26.34
N ARG A 256 13.82 -6.29 26.02
CA ARG A 256 13.80 -7.77 26.07
C ARG A 256 13.55 -8.29 27.48
N GLN A 257 14.23 -7.68 28.45
CA GLN A 257 14.11 -8.10 29.84
C GLN A 257 12.69 -7.82 30.33
N ALA A 258 12.17 -6.63 30.03
CA ALA A 258 10.79 -6.31 30.44
C ALA A 258 9.70 -7.25 29.83
N ILE A 259 9.89 -7.68 28.59
CA ILE A 259 8.92 -8.50 27.86
C ILE A 259 8.96 -9.93 28.40
N LYS A 260 10.17 -10.43 28.64
CA LYS A 260 10.35 -11.72 29.33
C LYS A 260 9.65 -11.68 30.66
N SER A 261 9.84 -10.58 31.38
CA SER A 261 9.31 -10.47 32.74
C SER A 261 7.76 -10.44 32.76
N LEU A 262 7.18 -9.50 32.01
CA LEU A 262 5.71 -9.45 31.80
C LEU A 262 5.16 -10.77 31.27
N THR A 263 5.87 -11.44 30.36
CA THR A 263 5.43 -12.76 29.94
C THR A 263 5.32 -13.79 31.09
N GLU A 264 6.39 -13.93 31.88
CA GLU A 264 6.40 -14.93 32.94
C GLU A 264 5.49 -14.58 34.08
N ARG A 265 5.46 -13.29 34.41
CA ARG A 265 4.71 -12.77 35.54
C ARG A 265 3.27 -12.37 35.25
N LEU A 266 2.94 -12.03 34.01
CA LEU A 266 1.58 -11.51 33.69
C LEU A 266 0.89 -12.28 32.60
N TYR A 267 1.52 -12.37 31.43
CA TYR A 267 0.79 -12.90 30.27
C TYR A 267 0.45 -14.40 30.39
N ILE A 268 1.39 -15.19 30.91
CA ILE A 268 1.20 -16.62 31.10
C ILE A 268 0.12 -16.97 32.10
N GLY A 269 -0.06 -16.12 33.10
CA GLY A 269 -1.00 -16.44 34.16
C GLY A 269 -0.78 -15.63 35.44
N GLY A 270 -1.68 -15.81 36.40
CA GLY A 270 -1.58 -15.11 37.68
C GLY A 270 -2.85 -15.12 38.50
N PRO A 271 -2.75 -14.67 39.76
CA PRO A 271 -3.90 -14.68 40.67
C PRO A 271 -4.93 -13.64 40.28
N LEU A 272 -6.19 -13.96 40.55
CA LEU A 272 -7.33 -13.08 40.26
C LEU A 272 -7.95 -12.53 41.54
N THR A 273 -8.14 -11.22 41.60
CA THR A 273 -8.65 -10.50 42.77
C THR A 273 -9.92 -9.71 42.40
N ASN A 274 -11.00 -9.85 43.18
CA ASN A 274 -12.24 -9.09 42.90
C ASN A 274 -12.13 -7.64 43.34
N SER A 275 -13.17 -6.84 43.11
CA SER A 275 -13.13 -5.39 43.43
C SER A 275 -13.01 -5.12 44.93
N LYS A 276 -13.29 -6.11 45.77
CA LYS A 276 -13.19 -5.97 47.22
C LYS A 276 -11.78 -6.34 47.72
N GLY A 277 -10.92 -6.82 46.83
CA GLY A 277 -9.57 -7.26 47.23
C GLY A 277 -9.46 -8.73 47.64
N GLN A 278 -10.51 -9.52 47.45
CA GLN A 278 -10.49 -10.95 47.81
C GLN A 278 -9.92 -11.79 46.67
N ASN A 279 -9.34 -12.93 47.02
CA ASN A 279 -8.80 -13.87 46.02
C ASN A 279 -9.93 -14.74 45.46
N CYS A 280 -10.18 -14.61 44.15
CA CYS A 280 -11.20 -15.41 43.44
C CYS A 280 -10.65 -16.66 42.81
N GLY A 281 -9.35 -16.69 42.55
CA GLY A 281 -8.73 -17.84 41.90
C GLY A 281 -7.45 -17.55 41.15
N TYR A 282 -7.20 -18.35 40.10
CA TYR A 282 -5.94 -18.29 39.37
C TYR A 282 -6.14 -18.53 37.88
N ARG A 283 -5.43 -17.77 37.06
CA ARG A 283 -5.53 -17.80 35.57
C ARG A 283 -4.29 -18.43 34.91
N ARG A 284 -4.50 -19.32 33.95
CA ARG A 284 -3.45 -19.92 33.12
C ARG A 284 -3.77 -19.83 31.61
N CYS A 285 -4.49 -18.77 31.24
CA CYS A 285 -4.87 -18.54 29.86
C CYS A 285 -4.68 -17.05 29.56
N ARG A 286 -5.18 -16.59 28.42
CA ARG A 286 -5.12 -15.17 28.05
C ARG A 286 -5.88 -14.29 29.02
N ALA A 287 -5.24 -13.23 29.53
CA ALA A 287 -5.95 -12.14 30.18
C ALA A 287 -6.57 -11.25 29.12
N SER A 288 -7.81 -10.85 29.35
CA SER A 288 -8.55 -10.06 28.38
C SER A 288 -8.19 -8.58 28.40
N GLY A 289 -7.60 -8.10 29.50
CA GLY A 289 -7.24 -6.70 29.65
C GLY A 289 -5.76 -6.38 29.79
N VAL A 290 -4.95 -6.92 28.89
CA VAL A 290 -3.53 -6.56 28.76
C VAL A 290 -3.28 -6.04 27.33
N LEU A 291 -2.15 -5.36 27.14
CA LEU A 291 -1.81 -4.67 25.87
C LEU A 291 -1.65 -5.63 24.70
N THR A 292 -1.10 -6.80 25.00
CA THR A 292 -0.84 -7.86 24.04
C THR A 292 -2.03 -8.82 23.77
N THR A 293 -3.23 -8.52 24.29
CA THR A 293 -4.38 -9.37 24.04
C THR A 293 -4.70 -9.48 22.52
N SER A 294 -4.84 -8.34 21.83
CA SER A 294 -5.17 -8.33 20.42
C SER A 294 -4.07 -8.91 19.52
N CYS A 295 -2.82 -8.47 19.73
CA CYS A 295 -1.67 -8.96 18.97
C CYS A 295 -1.34 -10.44 19.24
N GLY A 296 -1.31 -10.82 20.51
CA GLY A 296 -1.22 -12.21 20.86
C GLY A 296 -2.32 -13.09 20.23
N ASN A 297 -3.58 -12.70 20.41
CA ASN A 297 -4.67 -13.51 19.83
C ASN A 297 -4.54 -13.58 18.33
N THR A 298 -4.14 -12.48 17.71
CA THR A 298 -3.97 -12.42 16.26
C THR A 298 -2.85 -13.34 15.80
N LEU A 299 -1.70 -13.27 16.45
CA LEU A 299 -0.58 -14.14 16.07
C LEU A 299 -0.95 -15.62 16.23
N THR A 300 -1.57 -15.96 17.36
CA THR A 300 -1.90 -17.34 17.68
C THR A 300 -3.02 -17.88 16.81
N CYS A 301 -4.05 -17.06 16.57
CA CYS A 301 -5.10 -17.42 15.61
C CYS A 301 -4.53 -17.70 14.20
N TYR A 302 -3.66 -16.80 13.73
CA TYR A 302 -3.04 -16.90 12.38
C TYR A 302 -2.11 -18.10 12.27
N LEU A 303 -1.31 -18.35 13.31
CA LEU A 303 -0.45 -19.53 13.38
C LEU A 303 -1.25 -20.82 13.30
N LYS A 304 -2.22 -21.00 14.18
CA LYS A 304 -3.02 -22.23 14.17
C LYS A 304 -3.81 -22.41 12.87
N ALA A 305 -4.44 -21.34 12.41
CA ALA A 305 -5.26 -21.37 11.20
C ALA A 305 -4.40 -21.63 9.98
N SER A 306 -3.22 -20.99 9.87
CA SER A 306 -2.34 -21.27 8.71
C SER A 306 -1.90 -22.74 8.61
N ALA A 307 -1.54 -23.29 9.76
CA ALA A 307 -1.15 -24.69 9.90
C ALA A 307 -2.33 -25.62 9.60
N ALA A 308 -3.52 -25.25 10.08
CA ALA A 308 -4.73 -26.02 9.79
C ALA A 308 -5.16 -25.96 8.31
N CYS A 309 -4.83 -24.87 7.60
CA CYS A 309 -5.12 -24.79 6.15
C CYS A 309 -4.27 -25.80 5.36
N ARG A 310 -3.03 -25.98 5.80
CA ARG A 310 -2.11 -26.90 5.17
C ARG A 310 -2.54 -28.34 5.44
N ALA A 311 -2.85 -28.66 6.70
CA ALA A 311 -3.40 -29.95 7.11
C ALA A 311 -4.60 -30.36 6.26
N ALA A 312 -5.49 -29.39 6.00
CA ALA A 312 -6.69 -29.58 5.22
C ALA A 312 -6.45 -29.52 3.70
N LYS A 313 -5.27 -29.14 3.26
CA LYS A 313 -4.97 -29.02 1.83
C LYS A 313 -5.92 -28.04 1.09
N LEU A 314 -6.32 -26.96 1.75
CA LEU A 314 -7.16 -25.95 1.11
C LEU A 314 -6.35 -25.34 -0.04
N GLN A 315 -6.99 -25.12 -1.20
CA GLN A 315 -6.26 -24.58 -2.36
C GLN A 315 -6.36 -23.05 -2.43
N ASP A 316 -5.22 -22.41 -2.64
CA ASP A 316 -5.11 -20.93 -2.79
C ASP A 316 -5.90 -20.17 -1.71
N CYS A 317 -5.50 -20.44 -0.47
CA CYS A 317 -6.00 -19.83 0.76
C CYS A 317 -5.60 -18.41 1.02
N THR A 318 -6.60 -17.57 1.25
CA THR A 318 -6.40 -16.20 1.73
C THR A 318 -7.14 -16.14 3.07
N MET A 319 -6.41 -15.78 4.12
CA MET A 319 -7.00 -15.57 5.43
C MET A 319 -7.10 -14.09 5.76
N LEU A 320 -8.10 -13.74 6.54
CA LEU A 320 -8.21 -12.41 7.12
C LEU A 320 -8.43 -12.60 8.62
N VAL A 321 -7.53 -12.03 9.43
CA VAL A 321 -7.49 -12.32 10.86
C VAL A 321 -7.52 -11.03 11.66
N ASN A 322 -8.46 -10.94 12.60
CA ASN A 322 -8.54 -9.83 13.54
C ASN A 322 -8.64 -10.41 14.93
N GLY A 323 -7.52 -10.62 15.60
CA GLY A 323 -7.54 -11.28 16.91
C GLY A 323 -8.04 -12.71 16.74
N ASP A 324 -9.11 -13.05 17.47
CA ASP A 324 -9.75 -14.36 17.45
C ASP A 324 -10.78 -14.52 16.31
N ASP A 325 -11.00 -13.47 15.53
CA ASP A 325 -11.96 -13.50 14.45
C ASP A 325 -11.25 -13.88 13.16
N LEU A 326 -11.70 -14.96 12.52
CA LEU A 326 -11.04 -15.52 11.34
C LEU A 326 -11.99 -15.75 10.15
N VAL A 327 -11.63 -15.23 8.98
CA VAL A 327 -12.30 -15.62 7.74
C VAL A 327 -11.27 -16.18 6.77
N VAL A 328 -11.66 -17.24 6.08
CA VAL A 328 -10.84 -17.89 5.06
C VAL A 328 -11.61 -17.91 3.76
N ILE A 329 -10.95 -17.50 2.68
CA ILE A 329 -11.49 -17.60 1.33
C ILE A 329 -10.51 -18.39 0.51
N CYS A 330 -10.98 -19.42 -0.19
CA CYS A 330 -10.11 -20.25 -1.01
C CYS A 330 -10.77 -20.70 -2.33
N GLU A 331 -10.13 -21.65 -3.03
CA GLU A 331 -10.69 -22.27 -4.23
C GLU A 331 -11.57 -23.42 -3.83
N SER A 332 -12.79 -23.45 -4.37
CA SER A 332 -13.68 -24.59 -4.17
C SER A 332 -13.19 -25.84 -4.92
N ALA A 333 -13.42 -27.01 -4.34
CA ALA A 333 -13.10 -28.27 -4.97
C ALA A 333 -14.37 -29.09 -5.14
N GLY A 334 -15.52 -28.41 -5.13
CA GLY A 334 -16.83 -29.06 -5.17
C GLY A 334 -17.38 -29.09 -3.77
N THR A 335 -18.69 -29.28 -3.61
CA THR A 335 -19.31 -29.11 -2.31
C THR A 335 -18.90 -30.22 -1.32
N GLN A 336 -18.70 -31.43 -1.83
CA GLN A 336 -18.30 -32.59 -1.02
C GLN A 336 -16.85 -32.48 -0.50
N GLU A 337 -15.91 -32.19 -1.39
CA GLU A 337 -14.52 -32.08 -0.99
C GLU A 337 -14.31 -30.85 -0.08
N ASP A 338 -15.09 -29.80 -0.33
CA ASP A 338 -15.13 -28.61 0.54
C ASP A 338 -15.57 -28.96 1.95
N ALA A 339 -16.65 -29.71 2.07
CA ALA A 339 -17.16 -30.14 3.39
C ALA A 339 -16.14 -30.99 4.14
N ALA A 340 -15.44 -31.83 3.40
CA ALA A 340 -14.37 -32.69 3.93
C ALA A 340 -13.17 -31.87 4.38
N SER A 341 -12.71 -30.96 3.52
CA SER A 341 -11.62 -30.02 3.87
C SER A 341 -11.86 -29.28 5.20
N LEU A 342 -13.09 -28.81 5.42
CA LEU A 342 -13.45 -28.05 6.63
C LEU A 342 -13.48 -28.91 7.89
N ARG A 343 -13.86 -30.16 7.75
CA ARG A 343 -13.80 -31.10 8.88
C ARG A 343 -12.35 -31.30 9.30
N VAL A 344 -11.45 -31.42 8.33
CA VAL A 344 -10.02 -31.60 8.63
C VAL A 344 -9.45 -30.32 9.31
N PHE A 345 -9.76 -29.17 8.71
CA PHE A 345 -9.41 -27.86 9.27
C PHE A 345 -9.79 -27.79 10.75
N THR A 346 -11.05 -28.11 11.03
CA THR A 346 -11.60 -28.09 12.38
C THR A 346 -10.96 -29.10 13.34
N GLU A 347 -10.64 -30.30 12.84
CA GLU A 347 -9.87 -31.29 13.62
C GLU A 347 -8.47 -30.80 13.99
N ALA A 348 -7.81 -30.16 13.04
CA ALA A 348 -6.48 -29.58 13.22
C ALA A 348 -6.47 -28.42 14.25
N MET A 349 -7.37 -27.45 14.08
CA MET A 349 -7.59 -26.38 15.09
C MET A 349 -7.87 -26.98 16.44
N THR A 350 -8.75 -27.98 16.48
CA THR A 350 -9.09 -28.69 17.72
C THR A 350 -7.86 -29.30 18.44
N ARG A 351 -7.00 -29.98 17.69
CA ARG A 351 -5.73 -30.49 18.22
C ARG A 351 -4.79 -29.39 18.71
N TYR A 352 -4.85 -28.21 18.08
CA TYR A 352 -4.07 -27.04 18.47
C TYR A 352 -4.67 -26.24 19.63
N SER A 353 -5.74 -26.75 20.24
N SER A 353 -5.79 -26.74 20.16
CA SER A 353 -6.45 -26.06 21.34
CA SER A 353 -6.50 -26.23 21.35
C SER A 353 -7.20 -24.85 20.79
C SER A 353 -7.67 -25.31 21.03
N ALA A 354 -7.97 -25.07 19.74
CA ALA A 354 -8.96 -24.07 19.31
C ALA A 354 -10.19 -24.72 18.69
N PRO A 355 -10.94 -25.52 19.47
CA PRO A 355 -12.12 -26.16 18.94
C PRO A 355 -13.24 -25.14 18.67
N PRO A 356 -14.16 -25.48 17.75
CA PRO A 356 -15.20 -24.54 17.36
C PRO A 356 -16.38 -24.40 18.34
N GLY A 357 -16.99 -23.22 18.38
CA GLY A 357 -18.31 -23.06 18.98
C GLY A 357 -19.34 -23.57 17.98
N ASP A 358 -19.75 -22.68 17.08
CA ASP A 358 -20.51 -23.08 15.89
C ASP A 358 -19.57 -23.71 14.86
N PRO A 359 -19.87 -24.93 14.42
CA PRO A 359 -18.94 -25.54 13.44
C PRO A 359 -18.96 -24.78 12.09
N PRO A 360 -17.81 -24.69 11.42
CA PRO A 360 -17.69 -23.92 10.18
C PRO A 360 -18.49 -24.46 8.99
N GLN A 361 -19.13 -23.56 8.26
CA GLN A 361 -19.93 -23.88 7.07
C GLN A 361 -19.24 -23.32 5.86
N PRO A 362 -19.16 -24.12 4.77
CA PRO A 362 -18.79 -23.60 3.48
C PRO A 362 -19.84 -22.64 2.94
N GLU A 363 -19.40 -21.52 2.39
CA GLU A 363 -20.30 -20.55 1.74
C GLU A 363 -19.79 -20.19 0.36
N TYR A 364 -20.73 -20.08 -0.57
CA TYR A 364 -20.43 -19.80 -1.96
C TYR A 364 -21.04 -18.46 -2.41
N ASP A 365 -21.41 -17.63 -1.43
CA ASP A 365 -21.98 -16.30 -1.62
C ASP A 365 -21.30 -15.41 -0.57
N LEU A 366 -20.57 -14.39 -1.01
CA LEU A 366 -19.79 -13.57 -0.11
C LEU A 366 -20.65 -12.84 0.90
N GLU A 367 -21.85 -12.48 0.45
CA GLU A 367 -22.79 -11.71 1.24
C GLU A 367 -23.29 -12.51 2.43
N LEU A 368 -23.14 -13.82 2.36
CA LEU A 368 -23.60 -14.70 3.43
C LEU A 368 -22.51 -15.03 4.47
N ILE A 369 -21.31 -14.51 4.29
CA ILE A 369 -20.23 -14.72 5.27
C ILE A 369 -20.20 -13.57 6.30
N THR A 370 -20.31 -13.89 7.59
CA THR A 370 -20.09 -12.90 8.64
C THR A 370 -18.68 -13.03 9.26
N SER A 371 -17.96 -11.91 9.33
CA SER A 371 -16.63 -11.81 9.92
C SER A 371 -16.44 -10.38 10.49
N CYS A 372 -15.90 -10.29 11.72
CA CYS A 372 -15.94 -9.08 12.54
C CYS A 372 -17.38 -8.55 12.63
N SER A 373 -18.30 -9.49 12.89
CA SER A 373 -19.72 -9.21 13.13
C SER A 373 -20.46 -8.57 11.94
N SER A 374 -19.86 -8.60 10.75
CA SER A 374 -20.29 -7.86 9.59
C SER A 374 -20.25 -8.69 8.29
N ASN A 375 -21.17 -8.38 7.38
CA ASN A 375 -21.25 -9.03 6.07
C ASN A 375 -21.21 -7.98 4.95
N VAL A 376 -20.69 -8.43 3.80
CA VAL A 376 -20.69 -7.63 2.59
C VAL A 376 -22.10 -7.58 2.06
N SER A 377 -22.54 -6.39 1.70
CA SER A 377 -23.78 -6.24 0.93
C SER A 377 -23.54 -5.23 -0.21
N VAL A 378 -24.55 -5.02 -1.03
CA VAL A 378 -24.40 -4.18 -2.23
C VAL A 378 -25.56 -3.18 -2.33
N ALA A 379 -25.21 -1.94 -2.72
CA ALA A 379 -26.14 -0.88 -3.04
C ALA A 379 -25.60 -0.11 -4.27
N HIS A 380 -26.23 1.01 -4.61
CA HIS A 380 -25.88 1.79 -5.82
C HIS A 380 -25.69 3.23 -5.46
N ASP A 381 -24.68 3.89 -6.06
CA ASP A 381 -24.41 5.28 -5.75
C ASP A 381 -25.22 6.19 -6.69
N ALA A 382 -24.92 7.49 -6.65
CA ALA A 382 -25.66 8.48 -7.44
C ALA A 382 -25.68 8.16 -8.95
N SER A 383 -24.61 7.56 -9.45
CA SER A 383 -24.50 7.20 -10.88
C SER A 383 -25.19 5.88 -11.25
N GLY A 384 -25.74 5.18 -10.27
CA GLY A 384 -26.32 3.84 -10.50
C GLY A 384 -25.29 2.71 -10.45
N LYS A 385 -24.01 3.06 -10.27
CA LYS A 385 -22.92 2.09 -10.17
C LYS A 385 -23.00 1.31 -8.85
N ARG A 386 -22.76 0.00 -8.91
CA ARG A 386 -22.80 -0.86 -7.72
C ARG A 386 -21.65 -0.55 -6.77
N VAL A 387 -21.94 -0.44 -5.48
CA VAL A 387 -20.89 -0.31 -4.47
C VAL A 387 -21.11 -1.35 -3.36
N TYR A 388 -20.02 -2.01 -2.98
CA TYR A 388 -20.04 -2.97 -1.89
C TYR A 388 -19.75 -2.24 -0.60
N TYR A 389 -20.36 -2.70 0.48
CA TYR A 389 -20.14 -2.08 1.78
C TYR A 389 -20.42 -3.09 2.86
N LEU A 390 -19.85 -2.86 4.04
CA LEU A 390 -20.05 -3.72 5.19
C LEU A 390 -21.26 -3.29 6.05
N THR A 391 -22.07 -4.27 6.40
CA THR A 391 -23.25 -4.07 7.24
C THR A 391 -23.37 -5.17 8.31
N ARG A 392 -24.39 -5.04 9.15
CA ARG A 392 -24.69 -6.08 10.08
C ARG A 392 -26.16 -6.04 10.48
N ASP A 393 -26.57 -7.06 11.20
CA ASP A 393 -27.86 -7.05 11.85
C ASP A 393 -27.89 -5.88 12.85
N PRO A 394 -28.86 -4.97 12.72
CA PRO A 394 -28.78 -3.75 13.52
C PRO A 394 -29.33 -3.86 14.95
N THR A 395 -29.73 -5.07 15.38
CA THR A 395 -30.39 -5.27 16.69
C THR A 395 -29.52 -4.82 17.87
N THR A 396 -28.29 -5.31 17.95
CA THR A 396 -27.44 -4.93 19.07
C THR A 396 -27.08 -3.44 18.99
N PRO A 397 -26.64 -2.95 17.82
CA PRO A 397 -26.47 -1.50 17.68
C PRO A 397 -27.64 -0.60 18.14
N LEU A 398 -28.88 -0.98 17.85
CA LEU A 398 -30.06 -0.23 18.29
C LEU A 398 -30.42 -0.44 19.78
N ALA A 399 -30.18 -1.65 20.29
CA ALA A 399 -30.42 -1.91 21.71
C ALA A 399 -29.52 -0.99 22.54
N ARG A 400 -28.26 -0.86 22.12
CA ARG A 400 -27.27 0.00 22.79
C ARG A 400 -27.52 1.50 22.64
N ALA A 401 -28.07 1.90 21.50
CA ALA A 401 -28.51 3.29 21.27
C ALA A 401 -29.73 3.59 22.14
N ALA A 402 -30.59 2.61 22.38
CA ALA A 402 -31.70 2.77 23.36
C ALA A 402 -31.15 3.10 24.75
N TRP A 403 -30.18 2.31 25.21
CA TRP A 403 -29.55 2.54 26.53
C TRP A 403 -28.90 3.93 26.62
N GLU A 404 -28.10 4.26 25.60
CA GLU A 404 -27.39 5.55 25.47
C GLU A 404 -28.29 6.78 25.25
N THR A 405 -29.58 6.58 24.96
CA THR A 405 -30.58 7.65 24.90
C THR A 405 -30.96 8.14 26.31
N ALA A 406 -30.97 7.24 27.29
CA ALA A 406 -31.35 7.56 28.67
C ALA A 406 -30.19 7.60 29.70
N ARG A 407 -28.98 7.21 29.30
CA ARG A 407 -27.83 7.17 30.22
C ARG A 407 -26.58 7.58 29.49
N HIS A 408 -25.80 8.46 30.10
CA HIS A 408 -24.47 8.78 29.62
C HIS A 408 -23.55 7.64 29.98
N THR A 409 -22.75 7.25 28.99
CA THR A 409 -21.82 6.16 29.07
C THR A 409 -20.49 6.73 28.57
N PRO A 410 -19.36 6.19 29.05
CA PRO A 410 -18.07 6.79 28.73
C PRO A 410 -17.75 6.60 27.24
N VAL A 411 -18.12 5.43 26.73
CA VAL A 411 -17.98 5.15 25.32
C VAL A 411 -19.37 5.13 24.69
N ASN A 412 -19.47 5.83 23.56
CA ASN A 412 -20.70 6.03 22.80
C ASN A 412 -20.69 5.12 21.61
N SER A 413 -21.42 4.00 21.72
CA SER A 413 -21.45 3.01 20.70
C SER A 413 -22.19 3.49 19.47
N TRP A 414 -23.15 4.39 19.66
CA TRP A 414 -23.92 4.94 18.54
C TRP A 414 -23.00 5.65 17.59
N LEU A 415 -21.94 6.27 18.14
CA LEU A 415 -20.98 7.08 17.37
C LEU A 415 -19.98 6.22 16.62
N GLY A 416 -19.46 5.20 17.29
CA GLY A 416 -18.62 4.21 16.63
C GLY A 416 -19.39 3.53 15.52
N ASN A 417 -20.64 3.21 15.77
CA ASN A 417 -21.48 2.56 14.75
C ASN A 417 -21.79 3.45 13.56
N ILE A 418 -21.94 4.76 13.77
CA ILE A 418 -22.13 5.68 12.64
C ILE A 418 -20.84 5.75 11.85
N ILE A 419 -19.71 5.77 12.55
CA ILE A 419 -18.41 5.86 11.88
C ILE A 419 -18.17 4.62 11.01
N MET A 420 -18.40 3.43 11.57
CA MET A 420 -18.00 2.20 10.92
C MET A 420 -19.04 1.69 9.95
N TYR A 421 -20.30 2.08 10.16
CA TYR A 421 -21.41 1.60 9.32
C TYR A 421 -22.14 2.73 8.62
N ALA A 422 -21.42 3.81 8.31
CA ALA A 422 -22.00 5.04 7.71
C ALA A 422 -22.78 4.77 6.42
N PRO A 423 -22.30 3.86 5.54
CA PRO A 423 -23.06 3.55 4.31
C PRO A 423 -24.36 2.74 4.49
N THR A 424 -24.61 2.20 5.68
CA THR A 424 -25.75 1.29 5.86
C THR A 424 -27.07 2.06 5.98
N LEU A 425 -28.19 1.40 5.64
CA LEU A 425 -29.48 2.09 5.62
C LEU A 425 -29.93 2.37 7.05
N TRP A 426 -29.61 1.45 7.98
CA TRP A 426 -29.97 1.63 9.39
C TRP A 426 -29.14 2.70 10.13
N ALA A 427 -27.83 2.79 9.88
CA ALA A 427 -27.03 3.86 10.49
C ALA A 427 -27.47 5.26 10.04
N ARG A 428 -27.73 5.43 8.74
CA ARG A 428 -28.12 6.71 8.17
C ARG A 428 -29.52 7.20 8.54
N MET A 429 -30.48 6.29 8.48
CA MET A 429 -31.87 6.62 8.68
C MET A 429 -32.24 6.73 10.14
N ILE A 430 -31.71 5.84 10.98
CA ILE A 430 -32.10 5.78 12.40
C ILE A 430 -31.03 6.42 13.31
N LEU A 431 -29.82 5.90 13.28
CA LEU A 431 -28.79 6.39 14.19
C LEU A 431 -28.46 7.87 13.93
N MET A 432 -28.17 8.25 12.68
CA MET A 432 -27.82 9.65 12.38
C MET A 432 -28.98 10.60 12.72
N THR A 433 -30.19 10.25 12.32
CA THR A 433 -31.37 11.05 12.60
C THR A 433 -31.62 11.24 14.09
N HIS A 434 -31.56 10.14 14.85
CA HIS A 434 -31.92 10.12 16.26
C HIS A 434 -30.93 10.91 17.09
N PHE A 435 -29.64 10.70 16.86
CA PHE A 435 -28.64 11.33 17.72
C PHE A 435 -28.36 12.79 17.38
N PHE A 436 -28.45 13.18 16.11
CA PHE A 436 -28.30 14.60 15.77
C PHE A 436 -29.47 15.46 16.28
N SER A 437 -30.67 14.90 16.20
CA SER A 437 -31.82 15.51 16.83
C SER A 437 -31.54 15.72 18.32
N ILE A 438 -31.02 14.69 19.00
CA ILE A 438 -30.64 14.83 20.41
C ILE A 438 -29.57 15.92 20.61
N LEU A 439 -28.51 15.95 19.79
CA LEU A 439 -27.47 16.96 19.93
C LEU A 439 -27.94 18.39 19.61
N LEU A 440 -28.81 18.53 18.61
CA LEU A 440 -29.47 19.82 18.35
C LEU A 440 -30.25 20.33 19.57
N ALA A 441 -31.11 19.48 20.14
CA ALA A 441 -32.01 19.88 21.25
C ALA A 441 -31.24 20.28 22.51
N GLN A 442 -30.08 19.68 22.74
CA GLN A 442 -29.24 20.02 23.90
C GLN A 442 -28.13 21.01 23.58
N GLU A 443 -28.11 21.52 22.35
CA GLU A 443 -27.04 22.36 21.85
C GLU A 443 -25.59 21.82 22.12
N GLN A 444 -25.36 20.54 21.80
CA GLN A 444 -24.07 19.89 22.05
C GLN A 444 -23.39 19.35 20.80
N LEU A 445 -23.68 19.95 19.65
CA LEU A 445 -23.02 19.58 18.39
C LEU A 445 -21.49 19.73 18.47
N GLU A 446 -21.01 20.77 19.14
CA GLU A 446 -19.57 21.08 19.22
C GLU A 446 -18.83 20.30 20.32
N LYS A 447 -19.54 19.52 21.14
CA LYS A 447 -18.92 18.80 22.24
C LYS A 447 -18.33 17.45 21.78
N ALA A 448 -17.03 17.26 22.04
CA ALA A 448 -16.28 16.05 21.70
C ALA A 448 -16.75 14.88 22.54
N LEU A 449 -16.97 13.74 21.88
CA LEU A 449 -17.41 12.49 22.54
C LEU A 449 -16.42 11.36 22.30
N ASP A 450 -16.37 10.42 23.23
CA ASP A 450 -15.44 9.30 23.14
C ASP A 450 -16.14 8.11 22.54
N CYS A 451 -15.41 7.35 21.73
CA CYS A 451 -15.87 6.08 21.23
C CYS A 451 -14.67 5.16 21.04
N GLN A 452 -14.94 3.90 20.73
CA GLN A 452 -13.89 2.90 20.59
C GLN A 452 -13.90 2.26 19.21
N ILE A 453 -12.75 2.32 18.54
CA ILE A 453 -12.56 1.69 17.22
C ILE A 453 -11.32 0.77 17.26
N TYR A 454 -11.51 -0.51 16.97
CA TYR A 454 -10.43 -1.52 17.02
C TYR A 454 -9.73 -1.54 18.40
N GLY A 455 -10.53 -1.33 19.43
CA GLY A 455 -10.09 -1.40 20.82
C GLY A 455 -9.48 -0.14 21.40
N ALA A 456 -9.15 0.83 20.56
CA ALA A 456 -8.56 2.11 20.99
C ALA A 456 -9.66 3.14 21.25
N CYS A 457 -9.38 4.04 22.18
N CYS A 457 -9.39 4.05 22.18
CA CYS A 457 -10.33 5.10 22.56
CA CYS A 457 -10.37 5.07 22.50
C CYS A 457 -10.00 6.37 21.78
C CYS A 457 -10.01 6.37 21.78
N TYR A 458 -11.03 7.04 21.26
CA TYR A 458 -10.87 8.27 20.48
C TYR A 458 -11.84 9.33 20.97
N SER A 459 -11.37 10.57 21.00
CA SER A 459 -12.24 11.71 21.20
C SER A 459 -12.64 12.28 19.83
N ILE A 460 -13.95 12.33 19.57
CA ILE A 460 -14.47 12.74 18.27
C ILE A 460 -15.56 13.83 18.38
N GLU A 461 -15.40 14.87 17.58
CA GLU A 461 -16.40 15.92 17.44
C GLU A 461 -17.41 15.51 16.37
N PRO A 462 -18.71 15.35 16.76
CA PRO A 462 -19.74 14.95 15.78
C PRO A 462 -19.85 15.78 14.52
N LEU A 463 -19.55 17.08 14.60
CA LEU A 463 -19.57 17.98 13.43
C LEU A 463 -18.49 17.63 12.42
N ASP A 464 -17.51 16.81 12.84
CA ASP A 464 -16.52 16.23 11.94
C ASP A 464 -17.00 14.95 11.24
N LEU A 465 -18.22 14.49 11.49
CA LEU A 465 -18.62 13.21 10.96
C LEU A 465 -18.53 13.10 9.44
N PRO A 466 -18.94 14.14 8.68
CA PRO A 466 -18.92 14.01 7.23
C PRO A 466 -17.52 13.82 6.61
N GLN A 467 -16.50 14.48 7.15
CA GLN A 467 -15.09 14.30 6.76
C GLN A 467 -14.56 12.90 7.10
N ILE A 468 -14.82 12.48 8.33
CA ILE A 468 -14.48 11.15 8.80
C ILE A 468 -15.07 10.10 7.87
N ILE A 469 -16.33 10.27 7.48
CA ILE A 469 -17.03 9.29 6.66
C ILE A 469 -16.50 9.24 5.21
N GLU A 470 -16.28 10.41 4.58
CA GLU A 470 -15.72 10.45 3.23
C GLU A 470 -14.34 9.76 3.20
N ARG A 471 -13.50 10.01 4.21
CA ARG A 471 -12.22 9.30 4.33
C ARG A 471 -12.26 7.78 4.51
N LEU A 472 -13.20 7.27 5.29
CA LEU A 472 -13.24 5.84 5.59
C LEU A 472 -14.01 5.06 4.53
N HIS A 473 -14.95 5.75 3.90
CA HIS A 473 -15.93 5.13 3.02
C HIS A 473 -15.97 5.71 1.63
N GLY A 474 -15.54 6.95 1.46
CA GLY A 474 -15.75 7.67 0.19
C GLY A 474 -17.15 8.26 0.06
N LEU A 475 -17.26 9.35 -0.72
CA LEU A 475 -18.50 10.13 -0.90
C LEU A 475 -19.73 9.32 -1.20
N SER A 476 -19.57 8.17 -1.86
CA SER A 476 -20.68 7.30 -2.21
C SER A 476 -21.51 6.87 -1.00
N ALA A 477 -20.91 6.91 0.20
CA ALA A 477 -21.60 6.60 1.46
C ALA A 477 -22.76 7.58 1.70
N PHE A 478 -22.68 8.77 1.09
CA PHE A 478 -23.71 9.81 1.23
C PHE A 478 -24.80 9.75 0.15
N SER A 479 -24.64 8.84 -0.81
CA SER A 479 -25.47 8.75 -2.02
C SER A 479 -26.07 7.36 -2.25
N LEU A 480 -25.88 6.41 -1.34
CA LEU A 480 -26.31 5.04 -1.63
C LEU A 480 -27.84 4.88 -1.58
N HIS A 481 -28.34 4.03 -2.48
CA HIS A 481 -29.77 3.74 -2.56
C HIS A 481 -29.95 2.33 -3.13
N SER A 482 -31.20 1.89 -3.26
CA SER A 482 -31.49 0.59 -3.89
C SER A 482 -30.67 -0.50 -3.22
N TYR A 483 -30.89 -0.63 -1.92
CA TYR A 483 -30.26 -1.63 -1.09
C TYR A 483 -30.87 -2.99 -1.42
N SER A 484 -30.18 -4.05 -1.01
CA SER A 484 -30.60 -5.40 -1.37
C SER A 484 -31.85 -5.80 -0.56
N PRO A 485 -32.71 -6.67 -1.13
CA PRO A 485 -33.94 -7.08 -0.43
C PRO A 485 -33.66 -7.82 0.88
N GLY A 486 -32.54 -8.54 0.93
CA GLY A 486 -32.14 -9.29 2.11
C GLY A 486 -31.77 -8.35 3.25
N GLU A 487 -31.15 -7.24 2.87
CA GLU A 487 -30.73 -6.20 3.80
C GLU A 487 -31.94 -5.40 4.29
N ILE A 488 -32.81 -5.00 3.35
CA ILE A 488 -34.06 -4.31 3.70
C ILE A 488 -34.93 -5.19 4.63
N ASN A 489 -35.05 -6.46 4.29
CA ASN A 489 -35.80 -7.39 5.15
C ASN A 489 -35.22 -7.56 6.56
N ARG A 490 -33.89 -7.61 6.66
CA ARG A 490 -33.26 -7.77 7.97
C ARG A 490 -33.48 -6.53 8.86
N VAL A 491 -33.41 -5.36 8.24
CA VAL A 491 -33.66 -4.14 8.95
C VAL A 491 -35.13 -4.12 9.39
N ALA A 492 -36.06 -4.27 8.44
CA ALA A 492 -37.49 -4.24 8.76
C ALA A 492 -37.84 -5.23 9.86
N SER A 493 -37.24 -6.42 9.79
CA SER A 493 -37.40 -7.43 10.82
C SER A 493 -36.90 -6.97 12.19
N CYS A 494 -35.78 -6.26 12.22
CA CYS A 494 -35.28 -5.72 13.48
C CYS A 494 -36.21 -4.60 14.04
N LEU A 495 -36.72 -3.73 13.18
CA LEU A 495 -37.62 -2.67 13.62
C LEU A 495 -38.93 -3.24 14.22
N ARG A 496 -39.45 -4.32 13.66
CA ARG A 496 -40.60 -5.02 14.25
C ARG A 496 -40.29 -5.60 15.62
N LYS A 497 -39.18 -6.31 15.72
CA LYS A 497 -38.80 -6.98 16.98
C LYS A 497 -38.60 -6.02 18.16
N LEU A 498 -37.94 -4.89 17.90
CA LEU A 498 -37.59 -3.93 18.93
C LEU A 498 -38.71 -2.90 19.15
N GLY A 499 -39.61 -2.76 18.19
CA GLY A 499 -40.71 -1.80 18.28
C GLY A 499 -40.25 -0.42 17.85
N VAL A 500 -39.42 -0.39 16.80
CA VAL A 500 -38.82 0.84 16.30
C VAL A 500 -39.76 1.41 15.22
N PRO A 501 -39.95 2.74 15.20
CA PRO A 501 -40.75 3.37 14.15
C PRO A 501 -40.25 3.06 12.72
N PRO A 502 -41.19 2.96 11.76
CA PRO A 502 -40.85 2.60 10.39
C PRO A 502 -39.99 3.65 9.70
N LEU A 503 -39.29 3.22 8.64
CA LEU A 503 -38.31 4.04 7.95
C LEU A 503 -38.92 5.34 7.38
N ARG A 504 -40.22 5.29 7.08
CA ARG A 504 -40.93 6.49 6.62
C ARG A 504 -41.04 7.57 7.72
N VAL A 505 -41.12 7.15 8.99
CA VAL A 505 -41.13 8.10 10.12
C VAL A 505 -39.76 8.77 10.28
N TRP A 506 -38.69 7.99 10.13
CA TRP A 506 -37.32 8.51 10.18
C TRP A 506 -36.98 9.48 9.05
N ARG A 507 -37.48 9.22 7.85
CA ARG A 507 -37.28 10.14 6.71
C ARG A 507 -37.88 11.49 7.05
N HIS A 508 -39.10 11.44 7.60
CA HIS A 508 -39.80 12.64 8.04
C HIS A 508 -39.02 13.43 9.09
N ARG A 509 -38.46 12.75 10.10
CA ARG A 509 -37.67 13.44 11.13
C ARG A 509 -36.36 13.99 10.57
N ALA A 510 -35.80 13.28 9.60
CA ALA A 510 -34.49 13.60 9.06
C ALA A 510 -34.53 14.89 8.23
N ARG A 511 -35.67 15.10 7.56
CA ARG A 511 -35.99 16.40 6.94
C ARG A 511 -35.95 17.55 7.93
N SER A 512 -36.59 17.36 9.08
CA SER A 512 -36.53 18.31 10.18
C SER A 512 -35.12 18.52 10.72
N VAL A 513 -34.47 17.44 11.11
CA VAL A 513 -33.05 17.53 11.56
C VAL A 513 -32.17 18.23 10.52
N ARG A 514 -32.33 17.86 9.26
CA ARG A 514 -31.58 18.47 8.16
C ARG A 514 -31.75 20.00 8.06
N ALA A 515 -33.00 20.44 8.01
CA ALA A 515 -33.34 21.86 7.91
C ALA A 515 -32.79 22.64 9.11
N ARG A 516 -32.92 22.09 10.31
CA ARG A 516 -32.32 22.70 11.50
C ARG A 516 -30.80 22.79 11.46
N LEU A 517 -30.14 21.74 10.97
CA LEU A 517 -28.68 21.77 10.78
C LEU A 517 -28.25 22.82 9.73
N LEU A 518 -28.94 22.87 8.60
CA LEU A 518 -28.68 23.91 7.59
C LEU A 518 -28.78 25.35 8.16
N SER A 519 -29.78 25.60 9.02
CA SER A 519 -29.99 26.94 9.64
C SER A 519 -28.72 27.49 10.31
N GLN A 520 -27.97 26.61 10.96
CA GLN A 520 -26.84 27.02 11.82
C GLN A 520 -25.54 27.30 11.07
N GLY A 521 -25.48 26.95 9.80
CA GLY A 521 -24.29 27.20 9.00
C GLY A 521 -23.09 26.39 9.42
N GLY A 522 -21.95 26.70 8.81
CA GLY A 522 -20.69 26.08 9.18
C GLY A 522 -20.65 24.57 9.01
N ARG A 523 -19.95 23.91 9.92
CA ARG A 523 -19.84 22.45 9.89
C ARG A 523 -21.22 21.79 10.08
N ALA A 524 -22.07 22.41 10.88
CA ALA A 524 -23.45 21.95 11.11
C ALA A 524 -24.28 21.88 9.83
N ALA A 525 -24.10 22.87 8.95
CA ALA A 525 -24.76 22.91 7.65
C ALA A 525 -24.25 21.80 6.75
N THR A 526 -22.93 21.55 6.81
CA THR A 526 -22.31 20.48 6.05
C THR A 526 -22.84 19.09 6.48
N CYS A 527 -23.08 18.91 7.77
CA CYS A 527 -23.74 17.70 8.27
C CYS A 527 -25.13 17.54 7.69
N GLY A 528 -25.90 18.63 7.73
CA GLY A 528 -27.24 18.65 7.13
C GLY A 528 -27.19 18.22 5.69
N LYS A 529 -26.27 18.81 4.94
CA LYS A 529 -26.13 18.56 3.49
C LYS A 529 -25.69 17.13 3.11
N TYR A 530 -24.65 16.62 3.75
CA TYR A 530 -24.09 15.32 3.37
C TYR A 530 -24.85 14.18 4.06
N LEU A 531 -25.01 14.30 5.38
CA LEU A 531 -25.55 13.22 6.15
C LEU A 531 -27.00 12.94 5.87
N PHE A 532 -27.79 13.96 5.49
CA PHE A 532 -29.25 13.77 5.28
C PHE A 532 -29.76 14.07 3.86
N ASN A 533 -28.86 14.06 2.87
CA ASN A 533 -29.24 14.18 1.45
C ASN A 533 -30.25 13.11 1.03
N TRP A 534 -30.15 11.93 1.61
CA TRP A 534 -31.13 10.85 1.37
C TRP A 534 -32.59 11.19 1.74
N ALA A 535 -32.78 12.13 2.65
CA ALA A 535 -34.09 12.45 3.20
C ALA A 535 -34.93 13.32 2.26
N VAL A 536 -34.28 14.11 1.39
CA VAL A 536 -34.99 15.09 0.54
C VAL A 536 -35.36 14.54 -0.85
N LYS A 537 -36.51 14.99 -1.38
CA LYS A 537 -37.10 14.44 -2.61
C LYS A 537 -36.16 14.63 -3.82
N THR A 538 -35.56 15.81 -3.91
CA THR A 538 -34.63 16.15 -4.99
C THR A 538 -33.28 16.58 -4.38
N LYS A 539 -32.24 15.83 -4.75
CA LYS A 539 -30.99 15.81 -4.02
C LYS A 539 -29.97 16.84 -4.52
N LEU A 540 -29.23 17.42 -3.58
CA LEU A 540 -28.00 18.13 -3.90
C LEU A 540 -27.01 17.12 -4.51
N LYS A 541 -26.25 17.54 -5.51
CA LYS A 541 -25.09 16.77 -5.99
C LYS A 541 -23.96 17.09 -5.01
N LEU A 542 -23.53 16.06 -4.28
CA LEU A 542 -22.56 16.22 -3.22
C LEU A 542 -21.15 16.14 -3.83
N THR A 543 -20.25 16.98 -3.31
CA THR A 543 -18.90 17.08 -3.83
C THR A 543 -17.90 16.95 -2.68
N PRO A 544 -16.64 16.59 -2.98
CA PRO A 544 -15.68 16.34 -1.90
C PRO A 544 -15.59 17.47 -0.87
N ILE A 545 -15.59 17.11 0.41
CA ILE A 545 -15.52 18.09 1.50
C ILE A 545 -14.09 18.65 1.59
N PRO A 546 -13.95 20.00 1.61
CA PRO A 546 -12.64 20.64 1.84
C PRO A 546 -11.88 20.18 3.10
N ALA A 547 -12.55 20.17 4.26
CA ALA A 547 -11.93 19.79 5.52
C ALA A 547 -11.47 18.31 5.54
N ALA A 548 -12.15 17.47 4.76
CA ALA A 548 -11.90 16.01 4.75
C ALA A 548 -10.57 15.60 4.14
N SER A 549 -9.73 16.57 3.79
CA SER A 549 -8.33 16.29 3.40
C SER A 549 -7.34 16.72 4.49
N ARG A 550 -7.80 17.54 5.44
CA ARG A 550 -6.97 18.06 6.53
C ARG A 550 -7.03 17.23 7.84
N LEU A 551 -7.98 16.30 7.99
CA LEU A 551 -8.13 15.57 9.26
C LEU A 551 -6.93 14.64 9.53
N ASP A 552 -6.45 14.63 10.76
CA ASP A 552 -5.33 13.76 11.14
C ASP A 552 -5.90 12.41 11.59
N LEU A 553 -6.04 11.52 10.62
CA LEU A 553 -6.53 10.16 10.86
C LEU A 553 -5.34 9.21 11.03
N SER A 554 -4.17 9.74 11.33
CA SER A 554 -3.04 8.90 11.70
C SER A 554 -3.37 8.34 13.07
N GLY A 555 -2.97 7.10 13.29
CA GLY A 555 -3.39 6.40 14.49
C GLY A 555 -4.77 5.76 14.36
N TRP A 556 -5.37 5.84 13.17
CA TRP A 556 -6.57 5.09 12.84
C TRP A 556 -6.14 3.94 11.92
N PHE A 557 -6.68 2.76 12.18
CA PHE A 557 -6.44 1.60 11.31
C PHE A 557 -4.94 1.31 11.12
N VAL A 558 -4.25 1.27 12.26
CA VAL A 558 -2.91 0.70 12.34
C VAL A 558 -2.94 -0.69 12.99
N ALA A 559 -3.51 -0.82 14.19
CA ALA A 559 -3.55 -2.08 14.93
C ALA A 559 -4.75 -2.19 15.84
N GLY A 560 -4.99 -3.40 16.31
CA GLY A 560 -6.02 -3.67 17.33
C GLY A 560 -5.45 -3.61 18.74
N TYR A 561 -6.29 -3.20 19.68
CA TYR A 561 -5.90 -2.94 21.05
C TYR A 561 -7.00 -3.36 22.07
N SER A 562 -7.81 -4.37 21.73
CA SER A 562 -8.86 -4.83 22.66
C SER A 562 -8.27 -5.09 24.06
N GLY A 563 -8.85 -4.47 25.08
CA GLY A 563 -8.39 -4.62 26.48
C GLY A 563 -7.06 -3.94 26.80
N GLY A 564 -6.54 -3.20 25.83
CA GLY A 564 -5.17 -2.68 25.88
C GLY A 564 -5.00 -1.31 26.48
N ASP A 565 -6.10 -0.69 26.91
CA ASP A 565 -6.03 0.58 27.58
C ASP A 565 -5.31 1.69 26.78
N ILE A 566 -5.73 1.85 25.52
CA ILE A 566 -5.10 2.78 24.58
C ILE A 566 -6.05 3.94 24.19
N TYR A 567 -5.52 5.16 24.23
CA TYR A 567 -6.24 6.39 23.92
C TYR A 567 -5.48 7.15 22.82
N HIS A 568 -6.18 7.62 21.79
CA HIS A 568 -5.57 8.36 20.66
C HIS A 568 -6.06 9.80 20.53
N HIS B 6 -0.75 32.63 -23.68
CA HIS B 6 -1.66 32.32 -24.82
C HIS B 6 -1.65 30.84 -25.18
N HIS B 7 -0.45 30.24 -25.15
CA HIS B 7 -0.28 28.80 -25.34
C HIS B 7 0.35 28.16 -24.10
N MET B 8 -0.41 28.15 -23.02
CA MET B 8 0.04 27.68 -21.74
C MET B 8 0.00 26.16 -21.71
N SER B 9 1.04 25.57 -21.13
CA SER B 9 1.08 24.13 -20.94
C SER B 9 -0.11 23.62 -20.11
N TYR B 10 -0.50 24.40 -19.10
CA TYR B 10 -1.59 24.07 -18.18
C TYR B 10 -2.34 25.33 -17.77
N THR B 11 -3.62 25.17 -17.48
CA THR B 11 -4.37 26.13 -16.67
C THR B 11 -4.90 25.37 -15.43
N TRP B 12 -5.00 26.06 -14.31
CA TRP B 12 -5.34 25.45 -13.03
C TRP B 12 -6.57 26.12 -12.41
N THR B 13 -7.40 25.34 -11.75
CA THR B 13 -8.59 25.86 -11.06
C THR B 13 -8.29 26.31 -9.62
N GLY B 14 -7.32 25.70 -8.94
CA GLY B 14 -7.15 25.90 -7.51
C GLY B 14 -7.33 24.64 -6.69
N ALA B 15 -8.15 23.70 -7.16
CA ALA B 15 -8.24 22.38 -6.54
C ALA B 15 -6.86 21.69 -6.44
N LEU B 16 -6.65 20.94 -5.37
CA LEU B 16 -5.35 20.39 -5.05
C LEU B 16 -5.16 19.02 -5.69
N ILE B 17 -3.91 18.68 -5.95
CA ILE B 17 -3.55 17.33 -6.37
C ILE B 17 -3.50 16.56 -5.07
N THR B 18 -4.32 15.51 -5.00
CA THR B 18 -4.59 14.77 -3.78
C THR B 18 -4.05 13.34 -3.90
N PRO B 19 -3.72 12.71 -2.78
CA PRO B 19 -3.27 11.33 -2.81
C PRO B 19 -4.44 10.34 -2.79
N CYS B 20 -4.17 9.09 -3.14
N CYS B 20 -4.18 9.08 -3.12
CA CYS B 20 -5.14 8.01 -2.99
CA CYS B 20 -5.19 8.04 -2.98
C CYS B 20 -5.08 7.48 -1.58
C CYS B 20 -4.86 7.11 -1.80
N ALA B 21 -3.87 7.50 -0.99
CA ALA B 21 -3.61 6.84 0.27
C ALA B 21 -2.66 7.71 1.11
N ALA B 22 -2.33 7.22 2.31
CA ALA B 22 -1.34 7.86 3.16
C ALA B 22 0.00 7.75 2.46
N GLU B 23 0.75 8.86 2.49
CA GLU B 23 2.07 8.95 1.87
C GLU B 23 3.10 9.16 2.96
N GLU B 24 4.15 8.33 2.94
CA GLU B 24 5.30 8.49 3.81
C GLU B 24 6.39 9.26 3.07
N SER B 25 6.94 10.28 3.71
CA SER B 25 8.08 11.01 3.17
C SER B 25 9.43 10.57 3.77
N LYS B 26 9.43 10.16 5.05
CA LYS B 26 10.63 9.73 5.79
C LYS B 26 10.92 8.26 5.51
N LEU B 27 12.20 7.92 5.40
CA LEU B 27 12.63 6.55 5.19
C LEU B 27 12.14 5.64 6.32
N PRO B 28 11.33 4.62 6.01
CA PRO B 28 10.91 3.63 7.01
C PRO B 28 12.09 2.78 7.44
N ILE B 29 12.14 2.47 8.73
CA ILE B 29 13.30 1.81 9.32
C ILE B 29 12.88 0.45 9.85
N ASN B 30 13.66 -0.57 9.56
CA ASN B 30 13.45 -1.85 10.22
C ASN B 30 14.78 -2.43 10.74
N ALA B 31 14.77 -3.72 11.11
CA ALA B 31 15.95 -4.40 11.66
C ALA B 31 17.08 -4.55 10.63
N LEU B 32 16.74 -4.44 9.35
CA LEU B 32 17.72 -4.59 8.28
C LEU B 32 18.38 -3.29 7.78
N SER B 33 17.78 -2.15 8.11
CA SER B 33 18.18 -0.85 7.55
C SER B 33 19.64 -0.49 7.80
N ASN B 34 20.04 -0.49 9.06
CA ASN B 34 21.40 -0.11 9.43
C ASN B 34 22.48 -0.96 8.77
N SER B 35 22.18 -2.20 8.43
CA SER B 35 23.16 -2.99 7.73
C SER B 35 23.42 -2.44 6.32
N LEU B 36 22.52 -1.61 5.80
CA LEU B 36 22.75 -0.96 4.49
C LEU B 36 23.29 0.45 4.58
N LEU B 37 22.67 1.28 5.41
CA LEU B 37 22.77 2.76 5.37
C LEU B 37 22.47 3.26 6.77
N ARG B 38 23.37 4.07 7.34
CA ARG B 38 23.14 4.65 8.67
C ARG B 38 22.52 6.03 8.61
N HIS B 39 22.72 6.78 7.53
CA HIS B 39 22.25 8.16 7.50
C HIS B 39 20.86 8.24 6.90
N HIS B 40 19.89 7.83 7.71
CA HIS B 40 18.52 7.60 7.28
C HIS B 40 17.82 8.89 6.85
N ASN B 41 18.18 9.98 7.50
CA ASN B 41 17.57 11.27 7.29
C ASN B 41 17.90 11.91 5.92
N MET B 42 18.92 11.37 5.25
N MET B 42 18.91 11.38 5.24
CA MET B 42 19.30 11.81 3.91
CA MET B 42 19.27 11.83 3.90
C MET B 42 18.35 11.28 2.83
C MET B 42 18.33 11.28 2.83
N VAL B 43 17.61 10.20 3.13
CA VAL B 43 16.71 9.57 2.18
C VAL B 43 15.28 10.07 2.37
N TYR B 44 14.59 10.34 1.26
CA TYR B 44 13.20 10.80 1.32
C TYR B 44 12.38 10.34 0.12
N ALA B 45 11.05 10.33 0.27
CA ALA B 45 10.14 10.10 -0.83
C ALA B 45 9.31 11.37 -1.10
N THR B 46 9.14 11.68 -2.38
CA THR B 46 8.23 12.74 -2.78
C THR B 46 6.77 12.33 -2.51
N THR B 47 5.94 13.32 -2.20
CA THR B 47 4.53 13.12 -1.91
C THR B 47 3.66 14.20 -2.59
N SER B 48 2.37 13.96 -2.69
CA SER B 48 1.41 14.99 -3.18
C SER B 48 1.54 16.38 -2.56
N ARG B 49 2.09 16.49 -1.35
CA ARG B 49 2.18 17.78 -0.66
C ARG B 49 3.23 18.73 -1.26
N SER B 50 4.12 18.22 -2.12
CA SER B 50 5.01 19.06 -2.94
C SER B 50 4.51 19.30 -4.40
N ALA B 51 3.34 18.79 -4.74
CA ALA B 51 2.76 18.95 -6.08
C ALA B 51 2.58 20.41 -6.53
N GLY B 52 2.12 21.26 -5.62
CA GLY B 52 2.09 22.70 -5.86
C GLY B 52 3.35 23.26 -6.48
N LEU B 53 4.52 22.93 -5.91
CA LEU B 53 5.79 23.47 -6.38
C LEU B 53 6.11 23.01 -7.81
N ARG B 54 5.75 21.76 -8.13
CA ARG B 54 5.93 21.19 -9.44
C ARG B 54 5.01 21.83 -10.47
N GLN B 55 3.74 22.01 -10.10
CA GLN B 55 2.76 22.72 -10.96
C GLN B 55 3.31 24.05 -11.48
N LYS B 56 3.94 24.78 -10.56
CA LYS B 56 4.51 26.08 -10.88
C LYS B 56 5.60 25.91 -11.95
N LYS B 57 6.38 24.85 -11.81
CA LYS B 57 7.52 24.58 -12.68
C LYS B 57 7.11 24.16 -14.11
N VAL B 58 6.05 23.36 -14.22
CA VAL B 58 5.65 22.78 -15.48
C VAL B 58 4.73 23.70 -16.31
N THR B 59 4.44 24.90 -15.77
CA THR B 59 3.39 25.78 -16.30
C THR B 59 3.99 27.03 -16.89
N PHE B 60 4.03 27.08 -18.22
CA PHE B 60 4.59 28.21 -18.98
C PHE B 60 3.98 28.30 -20.36
N ASP B 61 4.16 29.44 -21.01
CA ASP B 61 3.75 29.65 -22.39
C ASP B 61 4.75 29.02 -23.33
N ARG B 62 4.28 28.33 -24.37
CA ARG B 62 5.17 27.84 -25.43
C ARG B 62 5.02 28.63 -26.75
N LEU B 63 6.16 29.04 -27.29
CA LEU B 63 6.28 29.71 -28.56
C LEU B 63 7.05 28.79 -29.48
N GLN B 64 6.59 28.62 -30.70
CA GLN B 64 7.24 27.73 -31.66
C GLN B 64 7.45 28.40 -33.02
N VAL B 65 8.66 28.31 -33.53
CA VAL B 65 9.01 28.86 -34.84
C VAL B 65 9.66 27.75 -35.68
N LEU B 66 8.95 27.31 -36.72
CA LEU B 66 9.35 26.11 -37.46
C LEU B 66 9.86 26.48 -38.86
N ASP B 67 11.11 26.09 -39.11
CA ASP B 67 11.84 26.43 -40.33
C ASP B 67 11.98 25.21 -41.27
N ASP B 68 12.77 25.39 -42.32
CA ASP B 68 12.89 24.36 -43.36
C ASP B 68 13.65 23.11 -42.92
N HIS B 69 14.62 23.27 -42.03
CA HIS B 69 15.36 22.09 -41.52
C HIS B 69 14.36 21.18 -40.84
N TYR B 70 13.47 21.76 -40.02
CA TYR B 70 12.42 21.03 -39.33
C TYR B 70 11.55 20.25 -40.33
N ARG B 71 11.06 20.93 -41.35
CA ARG B 71 10.15 20.29 -42.33
C ARG B 71 10.89 19.27 -43.19
N ASP B 72 12.17 19.49 -43.46
CA ASP B 72 12.92 18.49 -44.19
C ASP B 72 13.08 17.17 -43.42
N VAL B 73 13.49 17.25 -42.16
CA VAL B 73 13.62 16.05 -41.32
C VAL B 73 12.27 15.35 -41.21
N LEU B 74 11.19 16.11 -41.00
CA LEU B 74 9.87 15.52 -40.92
C LEU B 74 9.52 14.78 -42.19
N LYS B 75 9.80 15.37 -43.35
CA LYS B 75 9.52 14.67 -44.61
C LYS B 75 10.24 13.32 -44.69
N GLU B 76 11.52 13.30 -44.30
CA GLU B 76 12.31 12.05 -44.23
C GLU B 76 11.78 11.01 -43.24
N MET B 77 11.40 11.46 -42.05
CA MET B 77 10.79 10.56 -41.06
C MET B 77 9.51 9.96 -41.61
N LYS B 78 8.71 10.77 -42.31
CA LYS B 78 7.44 10.28 -42.87
C LYS B 78 7.63 9.23 -43.98
N ALA B 79 8.67 9.40 -44.81
CA ALA B 79 9.02 8.43 -45.87
C ALA B 79 9.37 7.06 -45.28
N LYS B 80 10.10 7.07 -44.17
CA LYS B 80 10.38 5.84 -43.45
C LYS B 80 9.17 5.26 -42.76
N ALA B 81 8.32 6.13 -42.20
CA ALA B 81 7.10 5.68 -41.52
C ALA B 81 6.10 5.00 -42.47
N SER B 82 6.14 5.42 -43.73
CA SER B 82 5.25 4.86 -44.75
C SER B 82 5.58 3.43 -45.14
N THR B 83 6.71 2.91 -44.65
CA THR B 83 7.08 1.52 -44.90
C THR B 83 6.65 0.61 -43.76
N VAL B 84 6.09 1.18 -42.69
CA VAL B 84 5.62 0.41 -41.56
C VAL B 84 4.18 -0.07 -41.75
N LYS B 85 3.94 -1.35 -41.47
CA LYS B 85 2.61 -1.91 -41.36
C LYS B 85 2.41 -2.35 -39.92
N ALA B 86 1.27 -1.99 -39.36
CA ALA B 86 0.97 -2.26 -37.95
C ALA B 86 -0.42 -2.86 -37.88
N LYS B 87 -0.62 -3.73 -36.91
CA LYS B 87 -1.87 -4.43 -36.73
C LYS B 87 -2.60 -4.01 -35.45
N LEU B 88 -3.89 -4.24 -35.48
CA LEU B 88 -4.76 -4.01 -34.35
C LEU B 88 -4.57 -5.19 -33.36
N LEU B 89 -4.58 -4.89 -32.07
CA LEU B 89 -4.62 -5.94 -31.04
C LEU B 89 -6.10 -6.23 -30.74
N SER B 90 -6.39 -7.50 -30.43
CA SER B 90 -7.70 -7.87 -29.89
C SER B 90 -7.84 -7.35 -28.47
N VAL B 91 -9.07 -7.36 -27.98
CA VAL B 91 -9.32 -6.97 -26.61
C VAL B 91 -8.46 -7.81 -25.66
N GLU B 92 -8.42 -9.12 -25.83
CA GLU B 92 -7.71 -9.98 -24.87
C GLU B 92 -6.18 -9.85 -24.89
N GLU B 93 -5.63 -9.54 -26.06
CA GLU B 93 -4.20 -9.30 -26.18
C GLU B 93 -3.81 -8.02 -25.43
N ALA B 94 -4.63 -7.00 -25.55
CA ALA B 94 -4.38 -5.73 -24.89
C ALA B 94 -4.49 -5.93 -23.41
N CYS B 95 -5.53 -6.66 -22.97
CA CYS B 95 -5.73 -6.96 -21.55
C CYS B 95 -4.56 -7.68 -20.92
N LYS B 96 -4.01 -8.66 -21.62
CA LYS B 96 -2.80 -9.36 -21.16
C LYS B 96 -1.56 -8.45 -20.99
N LEU B 97 -1.56 -7.28 -21.63
CA LEU B 97 -0.45 -6.32 -21.49
C LEU B 97 -0.58 -5.37 -20.29
N THR B 98 -1.68 -5.50 -19.53
CA THR B 98 -1.98 -4.63 -18.40
C THR B 98 -1.26 -5.14 -17.13
N PRO B 99 -0.39 -4.31 -16.51
CA PRO B 99 0.22 -4.72 -15.24
C PRO B 99 -0.80 -5.06 -14.12
N PRO B 100 -0.45 -6.01 -13.23
CA PRO B 100 -1.40 -6.42 -12.16
C PRO B 100 -1.70 -5.32 -11.15
N HIS B 101 -0.74 -4.43 -10.90
N HIS B 101 -0.74 -4.41 -11.00
CA HIS B 101 -0.95 -3.31 -9.98
CA HIS B 101 -0.79 -3.29 -10.06
C HIS B 101 -1.27 -1.99 -10.72
C HIS B 101 -1.34 -1.98 -10.68
N SER B 102 -1.94 -2.07 -11.86
CA SER B 102 -2.38 -0.87 -12.59
C SER B 102 -3.58 -0.19 -11.91
N ALA B 103 -3.68 1.14 -11.98
CA ALA B 103 -4.83 1.87 -11.40
C ALA B 103 -6.18 1.37 -11.91
N LYS B 104 -7.06 1.07 -10.97
CA LYS B 104 -8.36 0.53 -11.29
C LYS B 104 -9.24 1.54 -12.01
N SER B 105 -10.19 1.01 -12.76
CA SER B 105 -11.12 1.83 -13.51
C SER B 105 -12.06 2.60 -12.58
N LYS B 106 -12.55 3.74 -13.04
CA LYS B 106 -13.66 4.46 -12.39
C LYS B 106 -14.96 3.69 -12.53
N PHE B 107 -14.99 2.72 -13.45
CA PHE B 107 -16.23 2.02 -13.80
C PHE B 107 -16.37 0.59 -13.23
N GLY B 108 -15.75 0.37 -12.06
CA GLY B 108 -16.07 -0.78 -11.23
C GLY B 108 -15.36 -2.06 -11.60
N TYR B 109 -14.08 -1.95 -11.95
CA TYR B 109 -13.27 -3.12 -12.24
C TYR B 109 -11.84 -2.66 -12.16
N GLY B 110 -10.92 -3.61 -11.95
CA GLY B 110 -9.52 -3.28 -11.66
C GLY B 110 -8.57 -4.02 -12.57
N ALA B 111 -7.27 -3.75 -12.42
CA ALA B 111 -6.25 -4.39 -13.25
C ALA B 111 -6.44 -5.91 -13.36
N LYS B 112 -6.72 -6.55 -12.23
CA LYS B 112 -6.82 -8.02 -12.19
C LYS B 112 -8.07 -8.58 -12.89
N ASP B 113 -9.14 -7.81 -12.91
CA ASP B 113 -10.33 -8.11 -13.73
C ASP B 113 -10.03 -7.99 -15.22
N VAL B 114 -9.20 -7.01 -15.59
CA VAL B 114 -8.71 -6.88 -16.97
C VAL B 114 -7.82 -8.09 -17.31
N ARG B 115 -6.78 -8.31 -16.50
CA ARG B 115 -5.86 -9.41 -16.73
C ARG B 115 -6.54 -10.79 -16.78
N ASN B 116 -7.55 -11.00 -15.92
CA ASN B 116 -8.36 -12.22 -15.91
C ASN B 116 -9.38 -12.31 -17.01
N LEU B 117 -9.51 -11.25 -17.81
CA LEU B 117 -10.43 -11.20 -18.95
C LEU B 117 -11.90 -11.28 -18.52
N SER B 118 -12.19 -10.68 -17.38
CA SER B 118 -13.55 -10.70 -16.83
C SER B 118 -14.46 -9.94 -17.80
N SER B 119 -15.71 -10.34 -17.89
CA SER B 119 -16.59 -9.81 -18.92
C SER B 119 -17.13 -8.41 -18.64
N LYS B 120 -17.15 -7.99 -17.38
CA LYS B 120 -17.51 -6.59 -17.06
C LYS B 120 -16.43 -5.60 -17.52
N ALA B 121 -15.16 -5.99 -17.37
CA ALA B 121 -14.03 -5.20 -17.86
C ALA B 121 -14.05 -5.18 -19.39
N VAL B 122 -14.18 -6.36 -19.99
CA VAL B 122 -14.19 -6.55 -21.45
C VAL B 122 -15.36 -5.82 -22.13
N ASN B 123 -16.50 -5.78 -21.46
CA ASN B 123 -17.67 -5.08 -22.00
C ASN B 123 -17.55 -3.56 -21.90
N HIS B 124 -17.04 -3.06 -20.77
CA HIS B 124 -16.70 -1.63 -20.69
C HIS B 124 -15.67 -1.22 -21.72
N ILE B 125 -14.64 -2.03 -21.91
CA ILE B 125 -13.62 -1.77 -22.94
C ILE B 125 -14.22 -1.69 -24.36
N HIS B 126 -15.12 -2.59 -24.72
CA HIS B 126 -15.73 -2.57 -26.04
C HIS B 126 -16.59 -1.31 -26.26
N SER B 127 -17.26 -0.83 -25.21
CA SER B 127 -18.06 0.38 -25.30
C SER B 127 -17.18 1.62 -25.42
N VAL B 128 -16.04 1.63 -24.70
CA VAL B 128 -15.04 2.70 -24.86
C VAL B 128 -14.51 2.75 -26.31
N TRP B 129 -14.10 1.60 -26.86
CA TRP B 129 -13.61 1.51 -28.26
C TRP B 129 -14.63 2.06 -29.23
N LYS B 130 -15.90 1.67 -29.04
CA LYS B 130 -17.04 2.12 -29.88
C LYS B 130 -17.25 3.64 -29.87
N ASP B 131 -17.20 4.22 -28.67
CA ASP B 131 -17.28 5.66 -28.51
C ASP B 131 -16.10 6.39 -29.19
N LEU B 132 -14.89 5.82 -29.10
CA LEU B 132 -13.74 6.40 -29.80
C LEU B 132 -13.99 6.44 -31.31
N LEU B 133 -14.59 5.37 -31.83
CA LEU B 133 -14.90 5.31 -33.26
C LEU B 133 -15.98 6.31 -33.66
N GLU B 134 -16.93 6.59 -32.76
CA GLU B 134 -18.13 7.38 -33.09
C GLU B 134 -17.90 8.87 -32.92
N ASP B 135 -17.01 9.21 -32.00
CA ASP B 135 -16.84 10.58 -31.52
C ASP B 135 -15.32 10.89 -31.55
N THR B 136 -14.95 11.91 -32.32
CA THR B 136 -13.56 12.29 -32.52
C THR B 136 -13.32 13.71 -32.00
N VAL B 137 -14.19 14.19 -31.10
CA VAL B 137 -14.13 15.57 -30.58
C VAL B 137 -14.22 15.71 -29.05
N THR B 138 -14.92 14.83 -28.33
CA THR B 138 -15.17 15.09 -26.92
C THR B 138 -13.89 14.80 -26.09
N PRO B 139 -13.28 15.83 -25.48
CA PRO B 139 -12.08 15.55 -24.73
C PRO B 139 -12.27 14.45 -23.68
N ILE B 140 -11.26 13.60 -23.52
CA ILE B 140 -11.31 12.46 -22.60
C ILE B 140 -10.74 12.90 -21.22
N ASP B 141 -11.45 12.53 -20.15
CA ASP B 141 -11.02 12.80 -18.79
C ASP B 141 -9.71 12.10 -18.45
N THR B 142 -8.87 12.79 -17.68
CA THR B 142 -7.67 12.18 -17.13
C THR B 142 -7.57 12.46 -15.62
N THR B 143 -6.88 11.60 -14.89
CA THR B 143 -6.56 11.85 -13.46
C THR B 143 -5.16 12.42 -13.37
N ILE B 144 -4.96 13.43 -12.53
CA ILE B 144 -3.62 13.92 -12.22
C ILE B 144 -3.23 13.51 -10.78
N MET B 145 -2.03 12.93 -10.67
CA MET B 145 -1.51 12.45 -9.39
C MET B 145 -0.06 12.82 -9.26
N ALA B 146 0.38 12.97 -8.01
CA ALA B 146 1.80 13.09 -7.68
C ALA B 146 2.43 11.69 -7.56
N LYS B 147 3.58 11.50 -8.18
CA LYS B 147 4.37 10.30 -8.03
C LYS B 147 5.08 10.30 -6.69
N ASN B 148 5.23 9.11 -6.11
CA ASN B 148 6.00 8.93 -4.88
C ASN B 148 7.32 8.24 -5.23
N GLU B 149 8.41 9.00 -5.29
CA GLU B 149 9.70 8.45 -5.66
C GLU B 149 10.76 8.82 -4.66
N VAL B 150 11.73 7.92 -4.50
CA VAL B 150 12.75 8.04 -3.47
C VAL B 150 14.06 8.61 -4.02
N PHE B 151 14.61 9.59 -3.31
CA PHE B 151 15.90 10.17 -3.64
C PHE B 151 16.74 10.36 -2.38
N CYS B 152 17.96 10.86 -2.57
CA CYS B 152 18.82 11.39 -1.52
C CYS B 152 18.85 12.94 -1.57
N VAL B 153 18.82 13.59 -0.41
CA VAL B 153 18.82 15.06 -0.34
C VAL B 153 20.09 15.68 -0.93
N GLN B 154 19.96 16.91 -1.46
CA GLN B 154 21.10 17.81 -1.80
C GLN B 154 21.89 17.30 -2.99
N ARG B 160 15.49 19.28 -1.72
CA ARG B 160 14.47 18.27 -2.04
C ARG B 160 13.76 18.53 -3.35
N LYS B 161 13.65 17.50 -4.18
CA LYS B 161 12.86 17.56 -5.41
C LYS B 161 11.38 17.47 -5.11
N PRO B 162 10.56 18.31 -5.75
CA PRO B 162 9.12 18.08 -5.68
C PRO B 162 8.67 16.83 -6.46
N ALA B 163 7.49 16.34 -6.13
CA ALA B 163 6.93 15.18 -6.83
C ALA B 163 6.85 15.46 -8.33
N ARG B 164 7.17 14.45 -9.13
CA ARG B 164 6.75 14.46 -10.52
C ARG B 164 5.24 14.17 -10.57
N LEU B 165 4.58 14.72 -11.58
CA LEU B 165 3.16 14.46 -11.84
C LEU B 165 2.98 13.38 -12.90
N ILE B 166 1.88 12.63 -12.79
CA ILE B 166 1.50 11.64 -13.77
C ILE B 166 0.06 11.95 -14.15
N VAL B 167 -0.18 11.97 -15.46
CA VAL B 167 -1.49 12.24 -16.01
C VAL B 167 -1.92 11.05 -16.87
N PHE B 168 -3.01 10.40 -16.50
CA PHE B 168 -3.44 9.21 -17.20
C PHE B 168 -4.96 9.10 -17.33
N PRO B 169 -5.42 8.52 -18.45
CA PRO B 169 -6.84 8.28 -18.64
C PRO B 169 -7.29 6.99 -17.96
N ASP B 170 -8.59 6.70 -18.02
CA ASP B 170 -9.13 5.51 -17.35
C ASP B 170 -8.57 4.23 -17.95
N LEU B 171 -8.57 3.15 -17.15
CA LEU B 171 -8.11 1.81 -17.53
C LEU B 171 -8.75 1.29 -18.80
N GLY B 172 -10.04 1.58 -18.97
CA GLY B 172 -10.74 1.24 -20.21
C GLY B 172 -10.16 1.92 -21.41
N VAL B 173 -9.78 3.18 -21.25
CA VAL B 173 -9.14 3.94 -22.32
C VAL B 173 -7.73 3.40 -22.58
N ARG B 174 -7.00 3.04 -21.54
CA ARG B 174 -5.65 2.52 -21.68
C ARG B 174 -5.56 1.20 -22.46
N VAL B 175 -6.54 0.30 -22.28
CA VAL B 175 -6.64 -0.95 -23.05
C VAL B 175 -6.89 -0.66 -24.54
N CYS B 176 -7.70 0.36 -24.80
CA CYS B 176 -8.02 0.78 -26.18
C CYS B 176 -6.80 1.36 -26.91
N GLU B 177 -6.00 2.18 -26.23
CA GLU B 177 -4.74 2.68 -26.78
C GLU B 177 -3.85 1.52 -27.27
N LYS B 178 -3.73 0.47 -26.46
CA LYS B 178 -2.98 -0.76 -26.76
C LYS B 178 -3.51 -1.40 -28.03
N MET B 179 -4.83 -1.60 -28.08
CA MET B 179 -5.48 -2.13 -29.29
C MET B 179 -5.12 -1.37 -30.58
N ALA B 180 -5.27 -0.05 -30.54
CA ALA B 180 -4.96 0.82 -31.70
C ALA B 180 -3.47 1.00 -31.99
N LEU B 181 -2.65 1.08 -30.93
CA LEU B 181 -1.29 1.67 -31.04
C LEU B 181 -0.09 0.85 -30.50
N TYR B 182 -0.33 -0.26 -29.80
CA TYR B 182 0.78 -1.05 -29.26
C TYR B 182 1.80 -1.45 -30.33
N ASP B 183 1.29 -1.96 -31.44
CA ASP B 183 2.12 -2.42 -32.57
C ASP B 183 2.86 -1.26 -33.23
N VAL B 184 2.16 -0.15 -33.49
CA VAL B 184 2.81 1.09 -33.96
C VAL B 184 3.98 1.56 -33.05
N VAL B 185 3.72 1.73 -31.75
CA VAL B 185 4.74 2.31 -30.83
C VAL B 185 5.93 1.37 -30.56
N SER B 186 5.71 0.07 -30.69
CA SER B 186 6.77 -0.95 -30.58
C SER B 186 7.64 -1.08 -31.83
N THR B 187 7.07 -0.77 -32.99
CA THR B 187 7.69 -1.04 -34.30
C THR B 187 8.22 0.21 -35.06
N LEU B 188 7.45 1.30 -35.00
N LEU B 188 7.46 1.29 -35.01
CA LEU B 188 7.70 2.49 -35.81
CA LEU B 188 7.75 2.48 -35.84
C LEU B 188 9.03 3.22 -35.51
C LEU B 188 9.07 3.20 -35.52
N PRO B 189 9.35 3.43 -34.22
CA PRO B 189 10.50 4.25 -33.87
C PRO B 189 11.84 3.72 -34.41
N GLN B 190 12.09 2.41 -34.31
CA GLN B 190 13.32 1.85 -34.91
C GLN B 190 13.36 1.99 -36.42
N VAL B 191 12.21 1.84 -37.08
CA VAL B 191 12.15 2.04 -38.52
C VAL B 191 12.43 3.51 -38.89
N VAL B 192 11.78 4.44 -38.23
CA VAL B 192 11.97 5.84 -38.53
C VAL B 192 13.37 6.36 -38.13
N MET B 193 13.92 5.85 -37.01
CA MET B 193 15.16 6.41 -36.43
C MET B 193 16.39 5.51 -36.54
N GLY B 194 16.21 4.29 -37.03
CA GLY B 194 17.28 3.29 -37.11
C GLY B 194 18.11 3.24 -35.84
N SER B 195 19.44 3.36 -36.01
CA SER B 195 20.38 3.04 -34.93
C SER B 195 20.42 4.10 -33.82
N SER B 196 19.84 5.27 -34.11
CA SER B 196 19.66 6.33 -33.09
C SER B 196 18.57 6.03 -32.03
N TYR B 197 17.74 5.03 -32.28
CA TYR B 197 16.67 4.68 -31.37
C TYR B 197 17.21 3.84 -30.22
N GLY B 198 17.28 4.45 -29.03
CA GLY B 198 18.01 3.83 -27.90
C GLY B 198 17.39 2.61 -27.24
N PHE B 199 16.07 2.52 -27.29
CA PHE B 199 15.35 1.49 -26.53
C PHE B 199 15.49 0.09 -27.16
N GLN B 200 16.11 0.00 -28.33
CA GLN B 200 16.38 -1.30 -28.95
C GLN B 200 17.63 -1.99 -28.40
N TYR B 201 18.34 -1.35 -27.46
CA TYR B 201 19.64 -1.84 -26.99
C TYR B 201 19.59 -2.37 -25.55
N SER B 202 20.07 -3.60 -25.36
CA SER B 202 20.48 -4.04 -24.05
C SER B 202 21.66 -3.16 -23.60
N PRO B 203 22.02 -3.20 -22.30
CA PRO B 203 23.18 -2.41 -21.85
C PRO B 203 24.49 -2.72 -22.59
N GLY B 204 24.69 -4.00 -22.93
CA GLY B 204 25.86 -4.40 -23.72
C GLY B 204 25.86 -3.81 -25.12
N GLN B 205 24.70 -3.79 -25.77
CA GLN B 205 24.54 -3.18 -27.08
C GLN B 205 24.66 -1.67 -27.01
N ARG B 206 24.16 -1.07 -25.93
CA ARG B 206 24.27 0.34 -25.75
C ARG B 206 25.70 0.82 -25.58
N VAL B 207 26.53 0.13 -24.76
CA VAL B 207 27.94 0.58 -24.56
C VAL B 207 28.73 0.41 -25.89
N GLU B 208 28.46 -0.69 -26.59
CA GLU B 208 29.07 -0.96 -27.89
C GLU B 208 28.76 0.18 -28.90
N PHE B 209 27.49 0.58 -28.98
CA PHE B 209 27.09 1.69 -29.84
C PHE B 209 27.81 2.96 -29.47
N LEU B 210 27.90 3.28 -28.19
CA LEU B 210 28.55 4.52 -27.75
C LEU B 210 30.05 4.53 -28.00
N VAL B 211 30.72 3.42 -27.67
CA VAL B 211 32.17 3.30 -27.85
C VAL B 211 32.55 3.21 -29.34
N ASN B 212 31.82 2.43 -30.13
CA ASN B 212 32.09 2.39 -31.55
C ASN B 212 31.86 3.76 -32.21
N THR B 213 30.80 4.46 -31.79
CA THR B 213 30.52 5.79 -32.33
C THR B 213 31.62 6.75 -31.98
N TRP B 214 32.05 6.73 -30.73
CA TRP B 214 33.11 7.62 -30.27
C TRP B 214 34.39 7.39 -31.11
N LYS B 215 34.72 6.11 -31.29
CA LYS B 215 35.90 5.67 -32.01
C LYS B 215 35.83 5.93 -33.50
N SER B 216 34.63 6.10 -34.03
CA SER B 216 34.49 6.36 -35.46
C SER B 216 34.82 7.82 -35.81
N LYS B 217 34.95 8.69 -34.80
CA LYS B 217 35.27 10.10 -35.05
C LYS B 217 36.78 10.32 -34.94
N LYS B 218 37.32 11.16 -35.83
CA LYS B 218 38.73 11.52 -35.80
C LYS B 218 39.05 12.31 -34.54
N ASN B 219 38.22 13.30 -34.22
CA ASN B 219 38.35 14.08 -32.97
C ASN B 219 36.98 14.23 -32.30
N PRO B 220 36.55 13.20 -31.56
CA PRO B 220 35.19 13.17 -31.08
C PRO B 220 34.90 14.25 -30.03
N MET B 221 33.66 14.71 -30.03
CA MET B 221 33.14 15.57 -28.99
C MET B 221 31.74 15.05 -28.82
N GLY B 222 31.22 15.10 -27.60
CA GLY B 222 29.88 14.65 -27.33
C GLY B 222 29.24 15.51 -26.28
N PHE B 223 27.92 15.55 -26.28
CA PHE B 223 27.18 16.30 -25.29
C PHE B 223 25.81 15.68 -25.15
N SER B 224 25.29 15.74 -23.94
CA SER B 224 23.92 15.45 -23.63
C SER B 224 23.15 16.77 -23.69
N TYR B 225 21.89 16.72 -24.10
CA TYR B 225 21.04 17.89 -24.04
C TYR B 225 19.90 17.63 -23.08
N ASP B 226 19.84 18.47 -22.03
CA ASP B 226 18.80 18.43 -21.00
C ASP B 226 17.72 19.44 -21.36
N THR B 227 16.58 18.99 -21.89
CA THR B 227 15.40 19.84 -22.13
C THR B 227 14.72 20.13 -20.80
N ARG B 228 14.41 21.39 -20.55
CA ARG B 228 13.70 21.77 -19.32
C ARG B 228 12.25 21.29 -19.43
N CYS B 229 11.86 20.35 -18.57
N CYS B 229 11.88 20.32 -18.59
CA CYS B 229 10.47 19.88 -18.50
CA CYS B 229 10.50 19.86 -18.49
C CYS B 229 9.91 19.48 -19.87
C CYS B 229 9.93 19.50 -19.87
N PHE B 230 10.52 18.48 -20.51
CA PHE B 230 10.17 18.11 -21.88
C PHE B 230 8.67 17.99 -22.18
N ASP B 231 7.95 17.25 -21.36
CA ASP B 231 6.52 17.01 -21.58
C ASP B 231 5.74 18.32 -21.75
N SER B 232 6.08 19.32 -20.93
CA SER B 232 5.43 20.61 -20.98
C SER B 232 5.82 21.43 -22.19
N THR B 233 6.95 21.13 -22.82
CA THR B 233 7.39 21.85 -24.03
C THR B 233 6.68 21.33 -25.28
N VAL B 234 6.11 20.13 -25.17
CA VAL B 234 5.38 19.52 -26.25
C VAL B 234 4.05 20.26 -26.52
N THR B 235 3.91 20.77 -27.74
CA THR B 235 2.75 21.54 -28.13
C THR B 235 1.75 20.71 -28.92
N GLU B 236 0.57 21.31 -29.16
CA GLU B 236 -0.46 20.73 -30.02
C GLU B 236 0.07 20.48 -31.41
N ASN B 237 0.87 21.39 -31.96
CA ASN B 237 1.55 21.11 -33.23
C ASN B 237 2.35 19.83 -33.15
N ASP B 238 3.13 19.67 -32.09
CA ASP B 238 4.01 18.52 -31.94
C ASP B 238 3.18 17.25 -31.92
N ILE B 239 2.06 17.28 -31.23
CA ILE B 239 1.23 16.09 -31.04
C ILE B 239 0.44 15.70 -32.31
N ARG B 240 -0.02 16.70 -33.07
CA ARG B 240 -0.57 16.50 -34.43
C ARG B 240 0.47 16.00 -35.43
N VAL B 241 1.70 16.48 -35.35
CA VAL B 241 2.77 15.99 -36.21
C VAL B 241 3.05 14.50 -35.93
N GLU B 242 3.06 14.10 -34.66
CA GLU B 242 3.22 12.70 -34.31
C GLU B 242 2.11 11.85 -34.92
N GLU B 243 0.87 12.31 -34.82
CA GLU B 243 -0.29 11.61 -35.44
C GLU B 243 -0.08 11.38 -36.94
N SER B 244 0.40 12.41 -37.63
CA SER B 244 0.60 12.34 -39.06
C SER B 244 1.68 11.28 -39.34
N ILE B 245 2.67 11.16 -38.47
CA ILE B 245 3.69 10.11 -38.59
C ILE B 245 3.03 8.73 -38.38
N TYR B 246 2.24 8.58 -37.34
CA TYR B 246 1.47 7.33 -37.15
C TYR B 246 0.60 6.93 -38.37
N GLN B 247 -0.08 7.91 -38.97
CA GLN B 247 -1.00 7.67 -40.07
C GLN B 247 -0.25 7.35 -41.38
N CYS B 248 1.05 7.60 -41.43
CA CYS B 248 1.85 7.10 -42.56
C CYS B 248 1.85 5.59 -42.65
N CYS B 249 1.72 4.91 -41.51
CA CYS B 249 1.74 3.43 -41.46
C CYS B 249 0.60 2.81 -42.24
N ASP B 250 0.81 1.57 -42.67
CA ASP B 250 -0.25 0.76 -43.26
C ASP B 250 -1.04 0.22 -42.07
N LEU B 251 -2.30 0.65 -41.96
CA LEU B 251 -3.13 0.43 -40.79
C LEU B 251 -4.56 0.01 -41.20
N ALA B 252 -5.21 -0.81 -40.37
CA ALA B 252 -6.65 -1.08 -40.51
C ALA B 252 -7.44 0.23 -40.39
N PRO B 253 -8.58 0.35 -41.11
CA PRO B 253 -9.44 1.55 -41.03
C PRO B 253 -9.91 1.95 -39.62
N GLU B 254 -10.34 0.97 -38.82
CA GLU B 254 -10.66 1.20 -37.39
C GLU B 254 -9.47 1.74 -36.62
N ALA B 255 -8.29 1.20 -36.87
CA ALA B 255 -7.08 1.72 -36.23
C ALA B 255 -6.84 3.21 -36.56
N ARG B 256 -7.08 3.60 -37.80
CA ARG B 256 -6.88 4.99 -38.22
C ARG B 256 -7.80 5.93 -37.49
N GLN B 257 -9.07 5.52 -37.41
CA GLN B 257 -10.11 6.30 -36.78
C GLN B 257 -9.84 6.40 -35.28
N ALA B 258 -9.47 5.29 -34.64
CA ALA B 258 -9.19 5.26 -33.20
C ALA B 258 -7.99 6.15 -32.81
N ILE B 259 -6.96 6.16 -33.66
CA ILE B 259 -5.75 6.97 -33.49
C ILE B 259 -6.03 8.46 -33.66
N LYS B 260 -6.81 8.82 -34.68
CA LYS B 260 -7.24 10.21 -34.85
C LYS B 260 -8.08 10.70 -33.67
N SER B 261 -8.94 9.81 -33.17
CA SER B 261 -9.82 10.14 -32.07
C SER B 261 -9.09 10.26 -30.71
N LEU B 262 -8.20 9.30 -30.43
CA LEU B 262 -7.28 9.39 -29.28
C LEU B 262 -6.44 10.67 -29.34
N THR B 263 -5.99 11.04 -30.54
CA THR B 263 -5.23 12.28 -30.72
C THR B 263 -6.02 13.54 -30.37
N GLU B 264 -7.17 13.75 -31.01
CA GLU B 264 -7.99 14.95 -30.75
C GLU B 264 -8.47 15.03 -29.33
N ARG B 265 -8.90 13.87 -28.81
CA ARG B 265 -9.63 13.81 -27.55
C ARG B 265 -8.72 13.63 -26.32
N LEU B 266 -7.60 12.93 -26.51
CA LEU B 266 -6.67 12.59 -25.40
C LEU B 266 -5.29 13.22 -25.56
N TYR B 267 -4.59 12.91 -26.65
CA TYR B 267 -3.14 13.25 -26.70
C TYR B 267 -2.81 14.75 -26.74
N ILE B 268 -3.63 15.51 -27.46
N ILE B 268 -3.61 15.53 -27.48
CA ILE B 268 -3.48 16.95 -27.59
CA ILE B 268 -3.40 16.98 -27.56
C ILE B 268 -3.79 17.67 -26.27
C ILE B 268 -3.78 17.70 -26.25
N GLY B 269 -4.71 17.13 -25.49
CA GLY B 269 -5.11 17.80 -24.21
C GLY B 269 -6.41 17.32 -23.63
N GLY B 270 -6.74 17.89 -22.47
CA GLY B 270 -7.95 17.52 -21.78
C GLY B 270 -8.04 17.94 -20.32
N PRO B 271 -9.21 17.75 -19.72
CA PRO B 271 -9.38 18.16 -18.33
C PRO B 271 -8.60 17.23 -17.39
N LEU B 272 -8.20 17.77 -16.26
CA LEU B 272 -7.44 17.07 -15.21
C LEU B 272 -8.31 16.98 -13.99
N THR B 273 -8.46 15.77 -13.46
CA THR B 273 -9.26 15.52 -12.27
C THR B 273 -8.36 14.96 -11.16
N ASN B 274 -8.54 15.38 -9.91
CA ASN B 274 -7.76 14.78 -8.83
C ASN B 274 -8.35 13.43 -8.40
N SER B 275 -7.73 12.78 -7.42
CA SER B 275 -8.15 11.45 -6.99
C SER B 275 -9.52 11.44 -6.31
N LYS B 276 -9.99 12.63 -5.89
CA LYS B 276 -11.30 12.84 -5.27
C LYS B 276 -12.40 13.16 -6.29
N GLY B 277 -12.06 13.28 -7.56
CA GLY B 277 -13.03 13.67 -8.58
C GLY B 277 -13.23 15.16 -8.80
N GLN B 278 -12.33 16.02 -8.30
CA GLN B 278 -12.45 17.47 -8.56
C GLN B 278 -11.68 17.87 -9.80
N ASN B 279 -12.20 18.87 -10.50
CA ASN B 279 -11.52 19.48 -11.61
C ASN B 279 -10.33 20.32 -11.11
N CYS B 280 -9.12 19.95 -11.53
N CYS B 280 -9.16 19.94 -11.60
CA CYS B 280 -7.91 20.70 -11.17
CA CYS B 280 -7.87 20.51 -11.22
C CYS B 280 -7.43 21.64 -12.24
C CYS B 280 -7.40 21.57 -12.24
N GLY B 281 -7.93 21.48 -13.46
CA GLY B 281 -7.53 22.35 -14.57
C GLY B 281 -7.52 21.64 -15.92
N TYR B 282 -6.61 22.08 -16.79
CA TYR B 282 -6.61 21.66 -18.20
C TYR B 282 -5.21 21.55 -18.78
N ARG B 283 -4.97 20.47 -19.53
CA ARG B 283 -3.66 20.18 -20.11
C ARG B 283 -3.68 20.44 -21.62
N ARG B 284 -2.63 21.09 -22.13
CA ARG B 284 -2.40 21.32 -23.56
C ARG B 284 -0.98 20.94 -24.00
N CYS B 285 -0.40 19.98 -23.29
CA CYS B 285 0.93 19.48 -23.55
C CYS B 285 0.87 17.97 -23.44
N ARG B 286 2.01 17.30 -23.49
CA ARG B 286 2.11 15.86 -23.40
C ARG B 286 1.60 15.33 -22.07
N ALA B 287 0.71 14.33 -22.13
CA ALA B 287 0.33 13.50 -20.98
C ALA B 287 1.43 12.50 -20.67
N SER B 288 1.84 12.42 -19.41
CA SER B 288 2.97 11.60 -19.03
C SER B 288 2.60 10.14 -18.82
N GLY B 289 1.30 9.86 -18.78
CA GLY B 289 0.77 8.51 -18.55
C GLY B 289 -0.10 7.94 -19.66
N VAL B 290 0.35 8.08 -20.90
CA VAL B 290 -0.34 7.46 -22.05
C VAL B 290 0.63 6.49 -22.74
N LEU B 291 0.10 5.64 -23.62
CA LEU B 291 0.91 4.63 -24.37
C LEU B 291 1.98 5.25 -25.27
N THR B 292 1.59 6.34 -25.93
CA THR B 292 2.44 7.07 -26.86
C THR B 292 3.42 8.06 -26.21
N THR B 293 3.54 8.07 -24.87
CA THR B 293 4.44 9.03 -24.20
C THR B 293 5.90 8.87 -24.61
N SER B 294 6.39 7.64 -24.54
CA SER B 294 7.77 7.34 -24.96
C SER B 294 8.01 7.56 -26.45
N CYS B 295 7.14 6.99 -27.28
CA CYS B 295 7.25 7.09 -28.73
C CYS B 295 7.03 8.51 -29.25
N GLY B 296 6.02 9.22 -28.72
CA GLY B 296 5.85 10.63 -29.03
C GLY B 296 7.08 11.43 -28.65
N ASN B 297 7.55 11.27 -27.40
CA ASN B 297 8.69 12.03 -26.97
C ASN B 297 9.92 11.74 -27.82
N THR B 298 10.12 10.47 -28.14
CA THR B 298 11.28 10.02 -28.93
C THR B 298 11.27 10.62 -30.33
N LEU B 299 10.13 10.50 -31.01
CA LEU B 299 10.00 11.04 -32.36
C LEU B 299 10.25 12.55 -32.36
N THR B 300 9.69 13.22 -31.35
CA THR B 300 9.71 14.67 -31.33
C THR B 300 11.06 15.19 -30.88
N CYS B 301 11.70 14.49 -29.94
CA CYS B 301 13.06 14.81 -29.59
C CYS B 301 14.00 14.63 -30.79
N TYR B 302 13.84 13.52 -31.50
CA TYR B 302 14.69 13.24 -32.68
C TYR B 302 14.53 14.29 -33.83
N LEU B 303 13.27 14.65 -34.11
CA LEU B 303 12.93 15.66 -35.09
C LEU B 303 13.55 17.01 -34.76
N LYS B 304 13.26 17.53 -33.57
CA LYS B 304 13.79 18.81 -33.14
C LYS B 304 15.33 18.79 -33.14
N ALA B 305 15.91 17.73 -32.58
CA ALA B 305 17.37 17.57 -32.45
C ALA B 305 18.09 17.42 -33.79
N SER B 306 17.57 16.56 -34.67
CA SER B 306 18.15 16.45 -36.03
C SER B 306 18.10 17.77 -36.84
N ALA B 307 16.98 18.47 -36.75
CA ALA B 307 16.82 19.78 -37.37
C ALA B 307 17.78 20.80 -36.75
N ALA B 308 18.00 20.74 -35.43
CA ALA B 308 18.95 21.60 -34.71
C ALA B 308 20.45 21.31 -35.01
N CYS B 309 20.77 20.05 -35.29
CA CYS B 309 22.11 19.67 -35.75
C CYS B 309 22.45 20.30 -37.10
N ARG B 310 21.45 20.32 -37.99
CA ARG B 310 21.56 20.95 -39.30
C ARG B 310 21.72 22.46 -39.14
N ALA B 311 20.82 23.09 -38.39
CA ALA B 311 20.97 24.51 -38.06
C ALA B 311 22.39 24.83 -37.56
N ALA B 312 22.92 23.99 -36.67
CA ALA B 312 24.25 24.17 -36.07
C ALA B 312 25.43 23.75 -36.96
N LYS B 313 25.16 23.13 -38.10
CA LYS B 313 26.19 22.52 -38.97
C LYS B 313 27.19 21.64 -38.22
N LEU B 314 26.72 20.92 -37.21
CA LEU B 314 27.52 19.92 -36.51
C LEU B 314 28.07 18.92 -37.54
N GLN B 315 29.35 18.56 -37.41
CA GLN B 315 30.01 17.67 -38.39
C GLN B 315 30.00 16.21 -37.97
N ASP B 316 29.58 15.35 -38.91
CA ASP B 316 29.42 13.92 -38.71
C ASP B 316 28.76 13.59 -37.35
N CYS B 317 27.51 14.04 -37.26
CA CYS B 317 26.61 13.79 -36.14
C CYS B 317 26.06 12.38 -35.99
N THR B 318 26.09 11.88 -34.77
CA THR B 318 25.40 10.66 -34.42
C THR B 318 24.59 10.95 -33.18
N MET B 319 23.29 10.76 -33.28
CA MET B 319 22.39 10.93 -32.14
C MET B 319 21.98 9.57 -31.57
N LEU B 320 21.79 9.56 -30.25
CA LEU B 320 21.19 8.47 -29.54
C LEU B 320 20.07 9.06 -28.68
N VAL B 321 18.85 8.58 -28.91
CA VAL B 321 17.64 9.19 -28.35
C VAL B 321 16.81 8.14 -27.63
N ASN B 322 16.50 8.39 -26.35
CA ASN B 322 15.54 7.60 -25.59
C ASN B 322 14.47 8.55 -25.01
N GLY B 323 13.35 8.70 -25.69
CA GLY B 323 12.32 9.65 -25.28
C GLY B 323 12.91 11.05 -25.29
N ASP B 324 12.81 11.73 -24.15
CA ASP B 324 13.44 13.03 -23.94
C ASP B 324 14.94 13.04 -23.63
N ASP B 325 15.61 11.89 -23.68
CA ASP B 325 17.00 11.84 -23.33
C ASP B 325 17.83 11.76 -24.63
N LEU B 326 18.72 12.75 -24.83
CA LEU B 326 19.48 12.95 -26.06
C LEU B 326 20.98 13.04 -25.79
N VAL B 327 21.77 12.25 -26.52
CA VAL B 327 23.22 12.44 -26.58
C VAL B 327 23.57 12.52 -28.03
N VAL B 328 24.53 13.39 -28.31
CA VAL B 328 25.03 13.60 -29.66
C VAL B 328 26.55 13.45 -29.64
N ILE B 329 27.08 12.65 -30.56
CA ILE B 329 28.53 12.55 -30.78
C ILE B 329 28.87 13.00 -32.21
N CYS B 330 29.88 13.85 -32.31
CA CYS B 330 30.24 14.47 -33.58
C CYS B 330 31.76 14.75 -33.70
N GLU B 331 32.17 15.31 -34.84
CA GLU B 331 33.56 15.79 -34.97
C GLU B 331 33.74 17.14 -34.33
N SER B 332 34.75 17.25 -33.47
CA SER B 332 35.18 18.53 -32.92
C SER B 332 35.80 19.49 -33.93
N ALA B 333 35.56 20.78 -33.74
CA ALA B 333 36.20 21.87 -34.47
C ALA B 333 37.09 22.71 -33.54
N GLY B 334 37.48 22.12 -32.40
CA GLY B 334 38.13 22.87 -31.33
C GLY B 334 37.12 23.37 -30.31
N THR B 335 37.60 23.80 -29.15
CA THR B 335 36.70 24.14 -28.02
C THR B 335 35.85 25.41 -28.23
N GLN B 336 36.40 26.41 -28.92
CA GLN B 336 35.71 27.69 -29.16
C GLN B 336 34.57 27.45 -30.16
N GLU B 337 34.93 26.78 -31.24
CA GLU B 337 34.00 26.42 -32.28
C GLU B 337 32.93 25.39 -31.80
N ASP B 338 33.31 24.45 -30.94
CA ASP B 338 32.32 23.53 -30.36
C ASP B 338 31.34 24.28 -29.43
N ALA B 339 31.86 25.21 -28.62
CA ALA B 339 31.01 26.02 -27.72
C ALA B 339 29.99 26.90 -28.48
N ALA B 340 30.41 27.43 -29.62
CA ALA B 340 29.57 28.24 -30.49
C ALA B 340 28.53 27.40 -31.26
N SER B 341 28.95 26.26 -31.80
CA SER B 341 28.04 25.27 -32.40
C SER B 341 26.91 24.90 -31.44
N LEU B 342 27.26 24.63 -30.19
CA LEU B 342 26.31 24.22 -29.17
C LEU B 342 25.35 25.34 -28.80
N ARG B 343 25.81 26.59 -28.78
CA ARG B 343 24.89 27.72 -28.57
C ARG B 343 23.82 27.83 -29.67
N VAL B 344 24.23 27.62 -30.92
CA VAL B 344 23.33 27.59 -32.07
C VAL B 344 22.36 26.40 -32.03
N PHE B 345 22.89 25.21 -31.71
CA PHE B 345 22.08 24.04 -31.45
C PHE B 345 20.98 24.35 -30.40
N THR B 346 21.39 24.99 -29.31
CA THR B 346 20.46 25.35 -28.19
C THR B 346 19.43 26.42 -28.56
N GLU B 347 19.87 27.45 -29.28
CA GLU B 347 18.93 28.46 -29.84
C GLU B 347 17.91 27.85 -30.80
N ALA B 348 18.34 26.88 -31.61
CA ALA B 348 17.46 26.22 -32.54
C ALA B 348 16.43 25.35 -31.79
N MET B 349 16.89 24.53 -30.84
CA MET B 349 15.98 23.75 -30.00
C MET B 349 14.95 24.63 -29.28
N THR B 350 15.42 25.79 -28.81
CA THR B 350 14.60 26.76 -28.11
C THR B 350 13.47 27.27 -29.01
N ARG B 351 13.82 27.63 -30.24
CA ARG B 351 12.83 28.02 -31.25
C ARG B 351 11.81 26.94 -31.52
N TYR B 352 12.24 25.68 -31.49
CA TYR B 352 11.33 24.53 -31.61
C TYR B 352 10.51 24.18 -30.35
N SER B 353 10.60 25.01 -29.31
N SER B 353 10.67 25.00 -29.30
CA SER B 353 9.97 24.71 -28.01
CA SER B 353 9.98 24.84 -28.00
C SER B 353 10.63 23.48 -27.34
C SER B 353 10.76 24.02 -26.94
N ALA B 354 11.96 23.51 -27.25
CA ALA B 354 12.71 22.60 -26.34
C ALA B 354 13.97 23.29 -25.78
N PRO B 355 13.78 24.35 -24.96
CA PRO B 355 14.94 25.01 -24.37
C PRO B 355 15.54 24.20 -23.22
N PRO B 356 16.82 24.46 -22.89
CA PRO B 356 17.52 23.62 -21.91
C PRO B 356 17.20 23.92 -20.45
N GLY B 357 17.42 22.92 -19.60
CA GLY B 357 17.52 23.17 -18.17
C GLY B 357 18.93 23.61 -17.89
N ASP B 358 19.83 22.63 -17.80
CA ASP B 358 21.26 22.91 -17.75
C ASP B 358 21.76 23.01 -19.18
N PRO B 359 22.36 24.17 -19.55
CA PRO B 359 22.82 24.27 -20.94
C PRO B 359 23.88 23.21 -21.27
N PRO B 360 23.90 22.79 -22.54
CA PRO B 360 24.82 21.71 -22.93
C PRO B 360 26.31 22.14 -22.87
N GLN B 361 27.15 21.19 -22.47
CA GLN B 361 28.60 21.36 -22.34
C GLN B 361 29.24 20.35 -23.26
N PRO B 362 30.19 20.76 -24.13
CA PRO B 362 30.95 19.76 -24.89
C PRO B 362 31.92 18.98 -24.00
N GLU B 363 32.00 17.67 -24.24
CA GLU B 363 32.94 16.79 -23.54
C GLU B 363 33.82 16.06 -24.55
N TYR B 364 35.08 15.89 -24.19
CA TYR B 364 36.09 15.26 -25.02
C TYR B 364 36.60 13.98 -24.36
N ASP B 365 36.00 13.61 -23.22
CA ASP B 365 36.19 12.28 -22.60
C ASP B 365 34.83 11.53 -22.50
N LEU B 366 34.71 10.42 -23.21
CA LEU B 366 33.47 9.62 -23.20
C LEU B 366 32.93 9.22 -21.83
N GLU B 367 33.86 9.06 -20.88
CA GLU B 367 33.51 8.58 -19.57
C GLU B 367 32.86 9.70 -18.78
N LEU B 368 32.98 10.93 -19.26
CA LEU B 368 32.43 12.10 -18.61
C LEU B 368 31.01 12.49 -19.11
N ILE B 369 30.54 11.82 -20.16
CA ILE B 369 29.19 12.02 -20.68
C ILE B 369 28.18 11.11 -19.95
N THR B 370 27.15 11.75 -19.39
CA THR B 370 25.98 11.08 -18.82
C THR B 370 24.79 11.18 -19.78
N SER B 371 24.22 10.03 -20.12
CA SER B 371 23.04 9.90 -20.95
C SER B 371 22.27 8.71 -20.43
N CYS B 372 20.95 8.85 -20.28
CA CYS B 372 20.13 7.86 -19.58
C CYS B 372 20.70 7.63 -18.18
N SER B 373 21.05 8.71 -17.49
CA SER B 373 21.60 8.68 -16.13
C SER B 373 22.87 7.82 -15.89
N SER B 374 23.60 7.51 -16.97
CA SER B 374 24.68 6.52 -16.98
C SER B 374 25.90 7.02 -17.76
N ASN B 375 27.09 6.56 -17.36
CA ASN B 375 28.33 6.88 -18.12
C ASN B 375 29.10 5.63 -18.49
N VAL B 376 29.85 5.70 -19.60
CA VAL B 376 30.77 4.64 -19.95
C VAL B 376 31.91 4.65 -18.95
N SER B 377 32.30 3.47 -18.45
CA SER B 377 33.57 3.35 -17.74
C SER B 377 34.27 2.08 -18.18
N VAL B 378 35.48 1.89 -17.68
CA VAL B 378 36.34 0.77 -18.08
C VAL B 378 36.82 -0.06 -16.87
N ALA B 379 36.79 -1.39 -17.03
CA ALA B 379 37.42 -2.31 -16.10
C ALA B 379 38.10 -3.43 -16.91
N HIS B 380 38.57 -4.48 -16.24
CA HIS B 380 39.27 -5.58 -16.92
C HIS B 380 38.66 -6.93 -16.59
N ASP B 381 38.62 -7.84 -17.57
CA ASP B 381 38.08 -9.20 -17.35
C ASP B 381 39.18 -10.16 -16.83
N ALA B 382 38.86 -11.44 -16.66
CA ALA B 382 39.83 -12.37 -16.05
C ALA B 382 41.14 -12.50 -16.87
N SER B 383 41.02 -12.43 -18.20
CA SER B 383 42.20 -12.39 -19.07
C SER B 383 43.01 -11.09 -19.08
N GLY B 384 42.51 -10.03 -18.47
CA GLY B 384 43.16 -8.70 -18.53
C GLY B 384 42.62 -7.83 -19.66
N LYS B 385 41.74 -8.38 -20.49
CA LYS B 385 41.15 -7.64 -21.61
C LYS B 385 40.32 -6.47 -21.04
N ARG B 386 40.63 -5.24 -21.47
CA ARG B 386 39.80 -4.08 -21.13
C ARG B 386 38.36 -4.34 -21.54
N VAL B 387 37.41 -3.96 -20.69
CA VAL B 387 35.99 -4.10 -21.00
C VAL B 387 35.23 -2.82 -20.58
N TYR B 388 34.44 -2.30 -21.53
CA TYR B 388 33.61 -1.10 -21.29
C TYR B 388 32.23 -1.50 -20.78
N TYR B 389 31.72 -0.73 -19.84
CA TYR B 389 30.42 -1.02 -19.24
C TYR B 389 29.79 0.28 -18.80
N LEU B 390 28.47 0.26 -18.60
CA LEU B 390 27.72 1.44 -18.16
C LEU B 390 27.55 1.42 -16.64
N THR B 391 27.81 2.57 -16.03
CA THR B 391 27.64 2.76 -14.61
C THR B 391 26.97 4.12 -14.29
N ARG B 392 26.72 4.37 -13.02
CA ARG B 392 26.23 5.67 -12.61
C ARG B 392 26.62 5.93 -11.18
N ASP B 393 26.45 7.16 -10.75
CA ASP B 393 26.52 7.47 -9.33
C ASP B 393 25.49 6.65 -8.56
N PRO B 394 25.94 5.81 -7.61
CA PRO B 394 25.05 4.82 -6.99
C PRO B 394 24.10 5.34 -5.90
N THR B 395 24.10 6.66 -5.67
CA THR B 395 23.36 7.28 -4.56
C THR B 395 21.87 7.05 -4.60
N THR B 396 21.24 7.26 -5.76
CA THR B 396 19.79 7.09 -5.86
C THR B 396 19.48 5.60 -5.80
N PRO B 397 20.23 4.76 -6.56
CA PRO B 397 20.04 3.32 -6.38
C PRO B 397 20.11 2.82 -4.93
N LEU B 398 21.06 3.33 -4.16
CA LEU B 398 21.16 2.94 -2.74
C LEU B 398 20.06 3.57 -1.85
N ALA B 399 19.70 4.82 -2.10
CA ALA B 399 18.58 5.44 -1.37
C ALA B 399 17.31 4.58 -1.52
N ARG B 400 17.04 4.12 -2.74
CA ARG B 400 15.84 3.32 -3.06
C ARG B 400 15.90 1.87 -2.52
N ALA B 401 17.04 1.21 -2.65
CA ALA B 401 17.31 -0.08 -1.96
C ALA B 401 17.05 0.04 -0.44
N ALA B 402 17.44 1.15 0.17
CA ALA B 402 17.15 1.40 1.59
C ALA B 402 15.62 1.42 1.87
N TRP B 403 14.86 2.18 1.09
CA TRP B 403 13.39 2.18 1.21
C TRP B 403 12.82 0.77 1.08
N GLU B 404 13.26 0.09 0.02
CA GLU B 404 12.80 -1.25 -0.31
C GLU B 404 13.25 -2.36 0.67
N THR B 405 14.25 -2.07 1.49
CA THR B 405 14.67 -2.95 2.55
C THR B 405 13.61 -3.01 3.66
N ALA B 406 12.96 -1.88 3.93
CA ALA B 406 11.97 -1.77 5.03
C ALA B 406 10.51 -1.78 4.56
N ARG B 407 10.27 -1.69 3.25
CA ARG B 407 8.90 -1.58 2.73
C ARG B 407 8.78 -2.33 1.44
N HIS B 408 7.69 -3.08 1.29
CA HIS B 408 7.37 -3.76 0.04
C HIS B 408 6.70 -2.82 -0.93
N THR B 409 7.20 -2.84 -2.16
CA THR B 409 6.78 -1.93 -3.22
C THR B 409 6.42 -2.75 -4.47
N PRO B 410 5.51 -2.22 -5.30
CA PRO B 410 5.00 -3.00 -6.45
C PRO B 410 6.07 -3.29 -7.51
N VAL B 411 7.03 -2.39 -7.65
CA VAL B 411 8.22 -2.61 -8.44
C VAL B 411 9.49 -2.46 -7.58
N ASN B 412 10.47 -3.33 -7.85
CA ASN B 412 11.71 -3.41 -7.09
C ASN B 412 12.84 -2.85 -7.92
N SER B 413 13.24 -1.63 -7.62
CA SER B 413 14.29 -0.97 -8.36
C SER B 413 15.63 -1.63 -8.10
N TRP B 414 15.81 -2.25 -6.92
CA TRP B 414 17.06 -2.97 -6.62
C TRP B 414 17.31 -4.05 -7.66
N LEU B 415 16.24 -4.69 -8.13
CA LEU B 415 16.33 -5.79 -9.07
C LEU B 415 16.57 -5.27 -10.49
N GLY B 416 15.85 -4.23 -10.88
CA GLY B 416 16.10 -3.54 -12.16
C GLY B 416 17.56 -3.12 -12.24
N ASN B 417 18.04 -2.49 -11.18
CA ASN B 417 19.42 -2.02 -11.10
C ASN B 417 20.50 -3.11 -11.09
N ILE B 418 20.19 -4.31 -10.59
CA ILE B 418 21.12 -5.46 -10.65
C ILE B 418 21.17 -5.93 -12.07
N ILE B 419 20.01 -5.98 -12.74
CA ILE B 419 19.94 -6.43 -14.11
C ILE B 419 20.72 -5.45 -15.05
N MET B 420 20.43 -4.15 -14.93
CA MET B 420 20.97 -3.18 -15.85
C MET B 420 22.40 -2.76 -15.50
N TYR B 421 22.79 -2.87 -14.22
CA TYR B 421 24.13 -2.45 -13.78
C TYR B 421 24.94 -3.61 -13.17
N ALA B 422 24.72 -4.82 -13.67
CA ALA B 422 25.39 -6.04 -13.14
C ALA B 422 26.93 -5.95 -13.11
N PRO B 423 27.58 -5.36 -14.15
CA PRO B 423 29.05 -5.23 -14.18
C PRO B 423 29.67 -4.26 -13.18
N THR B 424 28.84 -3.40 -12.59
CA THR B 424 29.36 -2.33 -11.74
C THR B 424 29.84 -2.87 -10.38
N LEU B 425 30.77 -2.14 -9.75
CA LEU B 425 31.36 -2.56 -8.48
C LEU B 425 30.33 -2.46 -7.38
N TRP B 426 29.50 -1.41 -7.49
CA TRP B 426 28.49 -1.12 -6.49
C TRP B 426 27.29 -2.08 -6.52
N ALA B 427 26.87 -2.50 -7.70
CA ALA B 427 25.74 -3.42 -7.83
C ALA B 427 26.12 -4.86 -7.38
N ARG B 428 27.35 -5.28 -7.67
CA ARG B 428 27.82 -6.61 -7.32
C ARG B 428 28.10 -6.74 -5.82
N MET B 429 28.83 -5.79 -5.27
CA MET B 429 29.27 -5.84 -3.87
C MET B 429 28.15 -5.53 -2.88
N ILE B 430 27.32 -4.53 -3.21
CA ILE B 430 26.30 -4.07 -2.28
C ILE B 430 24.94 -4.66 -2.60
N LEU B 431 24.39 -4.36 -3.78
CA LEU B 431 23.01 -4.76 -4.09
C LEU B 431 22.81 -6.26 -4.15
N MET B 432 23.69 -6.99 -4.86
CA MET B 432 23.55 -8.45 -4.90
C MET B 432 23.66 -9.08 -3.50
N THR B 433 24.65 -8.64 -2.72
CA THR B 433 24.92 -9.19 -1.37
C THR B 433 23.80 -8.97 -0.39
N HIS B 434 23.39 -7.71 -0.27
CA HIS B 434 22.28 -7.31 0.59
C HIS B 434 20.99 -8.05 0.27
N PHE B 435 20.55 -8.05 -0.98
CA PHE B 435 19.21 -8.56 -1.29
C PHE B 435 19.17 -10.08 -1.39
N PHE B 436 20.25 -10.72 -1.88
CA PHE B 436 20.32 -12.20 -1.78
C PHE B 436 20.32 -12.69 -0.32
N SER B 437 20.99 -11.93 0.53
CA SER B 437 20.95 -12.19 1.96
C SER B 437 19.54 -12.14 2.54
N ILE B 438 18.78 -11.10 2.18
CA ILE B 438 17.37 -10.99 2.58
C ILE B 438 16.49 -12.15 2.02
N LEU B 439 16.70 -12.53 0.76
CA LEU B 439 15.96 -13.62 0.13
C LEU B 439 16.27 -15.01 0.74
N LEU B 440 17.53 -15.22 1.11
CA LEU B 440 17.91 -16.42 1.85
C LEU B 440 17.15 -16.51 3.18
N ALA B 441 17.23 -15.45 3.99
CA ALA B 441 16.59 -15.37 5.34
C ALA B 441 15.08 -15.62 5.35
N GLN B 442 14.39 -15.21 4.29
CA GLN B 442 12.94 -15.41 4.17
C GLN B 442 12.61 -16.65 3.37
N GLU B 443 13.63 -17.32 2.87
CA GLU B 443 13.47 -18.40 1.91
C GLU B 443 12.53 -18.00 0.76
N GLN B 444 12.85 -16.87 0.11
CA GLN B 444 12.05 -16.35 -0.99
C GLN B 444 12.86 -16.28 -2.27
N LEU B 445 13.89 -17.12 -2.37
CA LEU B 445 14.71 -17.23 -3.59
C LEU B 445 13.86 -17.52 -4.84
N GLU B 446 12.79 -18.31 -4.66
CA GLU B 446 11.93 -18.76 -5.77
C GLU B 446 10.66 -17.93 -6.02
N LYS B 447 10.41 -16.88 -5.25
CA LYS B 447 9.27 -15.99 -5.48
C LYS B 447 9.59 -15.03 -6.62
N ALA B 448 8.73 -14.98 -7.64
CA ALA B 448 8.94 -14.03 -8.74
C ALA B 448 8.69 -12.60 -8.24
N LEU B 449 9.53 -11.67 -8.68
CA LEU B 449 9.45 -10.26 -8.30
C LEU B 449 9.26 -9.35 -9.54
N ASP B 450 8.49 -8.28 -9.39
CA ASP B 450 8.25 -7.32 -10.47
C ASP B 450 9.35 -6.24 -10.49
N CYS B 451 9.84 -5.90 -11.68
CA CYS B 451 10.65 -4.71 -11.86
C CYS B 451 10.34 -3.99 -13.16
N GLN B 452 10.96 -2.83 -13.36
CA GLN B 452 10.77 -2.08 -14.60
C GLN B 452 12.03 -1.80 -15.38
N ILE B 453 11.95 -2.09 -16.68
CA ILE B 453 13.02 -1.82 -17.61
C ILE B 453 12.41 -1.13 -18.82
N TYR B 454 12.93 0.07 -19.11
CA TYR B 454 12.47 0.90 -20.23
C TYR B 454 10.96 1.12 -20.19
N GLY B 455 10.45 1.23 -18.97
CA GLY B 455 9.07 1.60 -18.73
C GLY B 455 8.10 0.45 -18.67
N ALA B 456 8.54 -0.74 -19.05
CA ALA B 456 7.69 -1.92 -19.07
C ALA B 456 7.95 -2.72 -17.79
N CYS B 457 6.92 -3.40 -17.30
N CYS B 457 6.91 -3.40 -17.32
CA CYS B 457 6.98 -4.16 -16.05
CA CYS B 457 6.99 -4.20 -16.10
C CYS B 457 7.26 -5.64 -16.38
C CYS B 457 7.31 -5.64 -16.44
N TYR B 458 8.25 -6.20 -15.69
CA TYR B 458 8.66 -7.59 -15.89
C TYR B 458 8.54 -8.35 -14.56
N SER B 459 8.08 -9.60 -14.66
CA SER B 459 8.11 -10.52 -13.53
C SER B 459 9.35 -11.40 -13.66
N ILE B 460 10.25 -11.29 -12.68
CA ILE B 460 11.54 -11.94 -12.73
C ILE B 460 11.75 -12.87 -11.54
N GLU B 461 12.21 -14.08 -11.83
CA GLU B 461 12.65 -15.00 -10.79
C GLU B 461 14.12 -14.70 -10.52
N PRO B 462 14.46 -14.28 -9.29
CA PRO B 462 15.85 -13.93 -8.95
C PRO B 462 16.90 -15.00 -9.20
N LEU B 463 16.51 -16.27 -9.19
CA LEU B 463 17.43 -17.39 -9.46
C LEU B 463 17.79 -17.47 -10.96
N ASP B 464 17.15 -16.65 -11.80
CA ASP B 464 17.50 -16.56 -13.23
C ASP B 464 18.49 -15.44 -13.51
N LEU B 465 18.86 -14.67 -12.48
CA LEU B 465 19.73 -13.53 -12.69
C LEU B 465 21.04 -13.84 -13.41
N PRO B 466 21.73 -14.95 -13.06
CA PRO B 466 22.99 -15.25 -13.77
C PRO B 466 22.86 -15.35 -15.30
N GLN B 467 21.82 -16.04 -15.76
CA GLN B 467 21.52 -16.21 -17.20
C GLN B 467 21.08 -14.88 -17.83
N ILE B 468 20.20 -14.15 -17.12
CA ILE B 468 19.79 -12.81 -17.54
C ILE B 468 21.03 -11.94 -17.78
N ILE B 469 21.95 -11.92 -16.81
CA ILE B 469 23.16 -11.06 -16.81
C ILE B 469 24.20 -11.45 -17.89
N GLU B 470 24.36 -12.74 -18.16
CA GLU B 470 25.24 -13.21 -19.22
C GLU B 470 24.67 -12.79 -20.58
N ARG B 471 23.37 -12.83 -20.70
CA ARG B 471 22.72 -12.39 -21.92
C ARG B 471 22.76 -10.88 -22.16
N LEU B 472 22.64 -10.06 -21.12
CA LEU B 472 22.62 -8.60 -21.32
C LEU B 472 24.01 -7.96 -21.36
N HIS B 473 24.98 -8.64 -20.76
CA HIS B 473 26.30 -8.08 -20.47
C HIS B 473 27.47 -8.98 -20.86
N GLY B 474 27.21 -10.26 -21.05
CA GLY B 474 28.29 -11.22 -21.27
C GLY B 474 28.91 -11.72 -19.98
N LEU B 475 29.73 -12.75 -20.14
CA LEU B 475 30.25 -13.54 -19.06
C LEU B 475 31.27 -12.76 -18.25
N SER B 476 31.86 -11.74 -18.85
CA SER B 476 32.82 -10.92 -18.17
C SER B 476 32.21 -10.14 -17.01
N ALA B 477 30.88 -10.00 -16.99
CA ALA B 477 30.19 -9.26 -15.93
C ALA B 477 30.55 -9.87 -14.57
N PHE B 478 30.78 -11.18 -14.57
CA PHE B 478 31.12 -11.94 -13.36
C PHE B 478 32.61 -11.98 -13.00
N SER B 479 33.46 -11.38 -13.83
CA SER B 479 34.91 -11.40 -13.62
C SER B 479 35.62 -10.05 -13.69
N LEU B 480 34.87 -8.94 -13.76
CA LEU B 480 35.48 -7.62 -13.85
C LEU B 480 36.28 -7.22 -12.61
N HIS B 481 37.39 -6.54 -12.85
CA HIS B 481 38.25 -6.09 -11.77
C HIS B 481 39.09 -4.89 -12.28
N SER B 482 39.78 -4.24 -11.35
CA SER B 482 40.65 -3.11 -11.66
C SER B 482 39.83 -2.02 -12.33
N TYR B 483 38.80 -1.61 -11.58
CA TYR B 483 37.90 -0.52 -11.94
C TYR B 483 38.69 0.78 -11.93
N SER B 484 38.21 1.78 -12.66
CA SER B 484 38.92 3.07 -12.79
C SER B 484 38.91 3.82 -11.45
N PRO B 485 39.95 4.64 -11.17
CA PRO B 485 40.05 5.45 -9.95
C PRO B 485 38.89 6.42 -9.74
N GLY B 486 38.39 7.01 -10.83
CA GLY B 486 37.22 7.87 -10.80
C GLY B 486 35.95 7.12 -10.41
N GLU B 487 35.80 5.89 -10.89
CA GLU B 487 34.65 5.06 -10.48
C GLU B 487 34.77 4.65 -9.02
N ILE B 488 35.93 4.11 -8.63
CA ILE B 488 36.21 3.75 -7.24
C ILE B 488 36.00 4.95 -6.28
N ASN B 489 36.54 6.11 -6.63
CA ASN B 489 36.37 7.31 -5.80
C ASN B 489 34.91 7.78 -5.62
N ARG B 490 34.11 7.64 -6.66
CA ARG B 490 32.71 8.08 -6.62
C ARG B 490 31.85 7.09 -5.82
N VAL B 491 32.17 5.80 -5.90
CA VAL B 491 31.49 4.82 -5.05
C VAL B 491 31.88 5.05 -3.59
N ALA B 492 33.18 5.14 -3.28
CA ALA B 492 33.60 5.40 -1.87
C ALA B 492 32.98 6.68 -1.32
N SER B 493 33.01 7.73 -2.14
CA SER B 493 32.43 9.01 -1.74
C SER B 493 30.92 8.86 -1.44
N CYS B 494 30.20 8.07 -2.24
CA CYS B 494 28.78 7.79 -1.98
C CYS B 494 28.55 7.00 -0.66
N LEU B 495 29.44 6.05 -0.34
CA LEU B 495 29.30 5.23 0.86
C LEU B 495 29.45 6.05 2.14
N ARG B 496 30.35 7.02 2.12
CA ARG B 496 30.59 7.92 3.25
C ARG B 496 29.44 8.88 3.46
N LYS B 497 28.90 9.39 2.35
CA LYS B 497 27.77 10.32 2.38
C LYS B 497 26.54 9.67 3.04
N LEU B 498 26.23 8.46 2.60
CA LEU B 498 25.05 7.71 3.07
C LEU B 498 25.30 6.86 4.33
N GLY B 499 26.55 6.71 4.77
CA GLY B 499 26.89 5.86 5.92
C GLY B 499 26.74 4.39 5.59
N VAL B 500 27.21 3.98 4.42
CA VAL B 500 27.09 2.60 3.99
C VAL B 500 28.34 1.86 4.47
N PRO B 501 28.19 0.62 4.97
CA PRO B 501 29.40 -0.06 5.44
C PRO B 501 30.49 -0.16 4.36
N PRO B 502 31.78 -0.13 4.75
CA PRO B 502 32.81 -0.21 3.72
C PRO B 502 32.80 -1.52 2.92
N LEU B 503 33.40 -1.45 1.73
CA LEU B 503 33.40 -2.54 0.77
C LEU B 503 33.96 -3.88 1.28
N ARG B 504 34.76 -3.83 2.34
CA ARG B 504 35.30 -5.05 2.97
C ARG B 504 34.29 -5.78 3.87
N VAL B 505 33.38 -5.03 4.49
CA VAL B 505 32.25 -5.66 5.22
C VAL B 505 31.38 -6.45 4.23
N TRP B 506 31.19 -5.89 3.04
CA TRP B 506 30.38 -6.51 2.00
C TRP B 506 30.99 -7.79 1.42
N ARG B 507 32.32 -7.83 1.27
CA ARG B 507 33.03 -9.05 0.84
C ARG B 507 32.87 -10.17 1.87
N HIS B 508 32.95 -9.79 3.15
CA HIS B 508 32.70 -10.69 4.25
C HIS B 508 31.29 -11.26 4.18
N ARG B 509 30.29 -10.39 4.05
CA ARG B 509 28.90 -10.87 3.98
C ARG B 509 28.66 -11.71 2.73
N ALA B 510 29.34 -11.37 1.64
CA ALA B 510 29.17 -12.03 0.34
C ALA B 510 29.67 -13.48 0.35
N ARG B 511 30.75 -13.71 1.09
CA ARG B 511 31.24 -15.08 1.38
C ARG B 511 30.21 -15.93 2.10
N SER B 512 29.62 -15.39 3.16
CA SER B 512 28.51 -16.05 3.84
C SER B 512 27.34 -16.31 2.91
N VAL B 513 26.93 -15.29 2.15
CA VAL B 513 25.79 -15.46 1.23
C VAL B 513 26.09 -16.51 0.15
N ARG B 514 27.32 -16.47 -0.36
CA ARG B 514 27.76 -17.43 -1.38
C ARG B 514 27.75 -18.89 -0.89
N ALA B 515 28.31 -19.14 0.29
CA ALA B 515 28.39 -20.49 0.87
C ALA B 515 26.99 -21.04 1.11
N ARG B 516 26.11 -20.17 1.63
CA ARG B 516 24.71 -20.56 1.87
C ARG B 516 23.99 -20.90 0.57
N LEU B 517 24.16 -20.06 -0.45
CA LEU B 517 23.61 -20.38 -1.78
C LEU B 517 24.17 -21.68 -2.37
N LEU B 518 25.47 -21.93 -2.24
CA LEU B 518 26.06 -23.19 -2.72
C LEU B 518 25.43 -24.39 -2.01
N SER B 519 25.21 -24.25 -0.70
CA SER B 519 24.65 -25.32 0.14
C SER B 519 23.34 -25.88 -0.41
N GLN B 520 22.56 -25.03 -1.11
CA GLN B 520 21.22 -25.40 -1.58
C GLN B 520 21.21 -26.04 -2.97
N GLY B 521 22.33 -25.94 -3.69
CA GLY B 521 22.45 -26.60 -4.98
C GLY B 521 21.55 -26.03 -6.05
N GLY B 522 21.46 -26.71 -7.18
CA GLY B 522 20.65 -26.25 -8.30
C GLY B 522 20.92 -24.80 -8.65
N ARG B 523 19.86 -24.05 -8.93
CA ARG B 523 19.99 -22.67 -9.42
C ARG B 523 20.59 -21.74 -8.38
N ALA B 524 20.30 -22.02 -7.10
CA ALA B 524 20.89 -21.28 -5.99
C ALA B 524 22.40 -21.39 -6.03
N ALA B 525 22.89 -22.58 -6.29
CA ALA B 525 24.32 -22.84 -6.39
C ALA B 525 24.97 -22.02 -7.51
N THR B 526 24.29 -21.95 -8.65
CA THR B 526 24.73 -21.18 -9.81
C THR B 526 24.80 -19.68 -9.49
N CYS B 527 23.77 -19.17 -8.81
CA CYS B 527 23.83 -17.79 -8.26
C CYS B 527 25.05 -17.60 -7.41
N GLY B 528 25.31 -18.56 -6.51
CA GLY B 528 26.50 -18.49 -5.63
C GLY B 528 27.80 -18.43 -6.41
N LYS B 529 27.96 -19.37 -7.34
CA LYS B 529 29.18 -19.48 -8.19
C LYS B 529 29.48 -18.25 -9.06
N TYR B 530 28.45 -17.71 -9.70
CA TYR B 530 28.62 -16.66 -10.71
C TYR B 530 28.55 -15.28 -10.10
N LEU B 531 27.51 -15.01 -9.31
CA LEU B 531 27.29 -13.65 -8.79
C LEU B 531 28.31 -13.25 -7.76
N PHE B 532 28.84 -14.21 -7.01
CA PHE B 532 29.75 -13.88 -5.89
C PHE B 532 31.15 -14.46 -6.07
N ASN B 533 31.56 -14.71 -7.31
CA ASN B 533 32.91 -15.20 -7.60
C ASN B 533 33.96 -14.18 -7.21
N TRP B 534 33.60 -12.89 -7.26
CA TRP B 534 34.47 -11.82 -6.79
C TRP B 534 34.82 -11.90 -5.30
N ALA B 535 33.98 -12.55 -4.50
CA ALA B 535 34.10 -12.52 -3.05
C ALA B 535 35.24 -13.41 -2.53
N VAL B 536 35.69 -14.37 -3.33
CA VAL B 536 36.64 -15.38 -2.88
C VAL B 536 38.08 -15.16 -3.35
N LYS B 537 39.03 -15.61 -2.53
CA LYS B 537 40.46 -15.63 -2.88
C LYS B 537 40.72 -16.47 -4.13
N THR B 538 40.29 -17.74 -4.08
CA THR B 538 40.60 -18.71 -5.13
C THR B 538 39.38 -18.84 -6.03
N LYS B 539 39.39 -18.05 -7.09
CA LYS B 539 38.27 -17.98 -8.02
C LYS B 539 38.05 -19.28 -8.77
N LEU B 540 36.80 -19.49 -9.18
CA LEU B 540 36.48 -20.49 -10.20
C LEU B 540 36.66 -19.81 -11.58
N LYS B 541 37.02 -20.60 -12.58
CA LYS B 541 36.93 -20.14 -13.97
C LYS B 541 35.50 -20.35 -14.38
N LEU B 542 34.83 -19.26 -14.72
CA LEU B 542 33.40 -19.30 -14.98
C LEU B 542 33.18 -19.64 -16.44
N THR B 543 32.38 -20.68 -16.67
CA THR B 543 32.06 -21.17 -18.01
C THR B 543 30.67 -20.68 -18.38
N PRO B 544 30.31 -20.70 -19.67
CA PRO B 544 28.95 -20.27 -20.03
C PRO B 544 27.89 -21.09 -19.30
N ILE B 545 26.72 -20.50 -19.06
CA ILE B 545 25.64 -21.14 -18.29
C ILE B 545 24.66 -21.84 -19.23
N PRO B 546 24.45 -23.16 -19.05
CA PRO B 546 23.53 -23.96 -19.90
C PRO B 546 22.18 -23.30 -20.23
N ALA B 547 21.43 -22.84 -19.23
CA ALA B 547 20.11 -22.23 -19.47
C ALA B 547 20.15 -20.81 -20.07
N ALA B 548 21.34 -20.32 -20.47
CA ALA B 548 21.54 -18.95 -20.97
C ALA B 548 21.42 -18.81 -22.49
N SER B 549 21.19 -19.92 -23.20
CA SER B 549 20.75 -19.88 -24.61
C SER B 549 19.23 -20.13 -24.69
N ARG B 550 18.62 -20.46 -23.55
CA ARG B 550 17.22 -20.85 -23.47
C ARG B 550 16.26 -19.83 -22.83
N LEU B 551 16.77 -18.76 -22.24
CA LEU B 551 15.87 -17.75 -21.65
C LEU B 551 15.08 -17.05 -22.75
N ASP B 552 13.79 -16.82 -22.50
CA ASP B 552 12.94 -16.13 -23.47
C ASP B 552 13.04 -14.63 -23.24
N LEU B 553 13.98 -13.99 -23.93
CA LEU B 553 14.24 -12.55 -23.73
C LEU B 553 13.58 -11.70 -24.81
N SER B 554 12.61 -12.29 -25.50
CA SER B 554 11.70 -11.55 -26.38
C SER B 554 10.86 -10.66 -25.48
N GLY B 555 10.55 -9.47 -25.97
CA GLY B 555 9.90 -8.46 -25.13
C GLY B 555 10.91 -7.51 -24.51
N TRP B 556 12.14 -7.99 -24.31
CA TRP B 556 13.20 -7.16 -23.75
C TRP B 556 13.89 -6.36 -24.83
N PHE B 557 14.03 -5.06 -24.57
CA PHE B 557 14.86 -4.17 -25.41
C PHE B 557 14.34 -4.11 -26.85
N VAL B 558 13.02 -3.90 -26.97
CA VAL B 558 12.40 -3.58 -28.24
C VAL B 558 12.02 -2.08 -28.32
N ALA B 559 11.30 -1.60 -27.32
CA ALA B 559 10.80 -0.22 -27.32
C ALA B 559 10.73 0.34 -25.91
N GLY B 560 10.59 1.66 -25.74
CA GLY B 560 10.34 2.27 -24.44
C GLY B 560 8.85 2.47 -24.21
N TYR B 561 8.42 2.46 -22.95
CA TYR B 561 6.97 2.55 -22.60
C TYR B 561 6.68 3.36 -21.33
N SER B 562 7.50 4.36 -21.05
CA SER B 562 7.33 5.18 -19.85
C SER B 562 5.89 5.66 -19.73
N GLY B 563 5.27 5.35 -18.60
CA GLY B 563 3.88 5.71 -18.31
C GLY B 563 2.81 5.06 -19.16
N GLY B 564 3.21 4.07 -19.96
CA GLY B 564 2.32 3.44 -20.92
C GLY B 564 1.60 2.21 -20.43
N ASP B 565 1.81 1.81 -19.19
CA ASP B 565 1.01 0.77 -18.57
C ASP B 565 1.20 -0.60 -19.25
N ILE B 566 2.46 -0.99 -19.43
CA ILE B 566 2.83 -2.21 -20.17
C ILE B 566 3.52 -3.29 -19.27
N TYR B 567 3.09 -4.54 -19.45
CA TYR B 567 3.52 -5.70 -18.67
C TYR B 567 3.96 -6.84 -19.62
N HIS B 568 5.08 -7.52 -19.27
CA HIS B 568 5.56 -8.70 -20.02
C HIS B 568 5.72 -9.99 -19.17
C1 T18 C . -12.01 -9.14 17.10
C2 T18 C . -11.36 -8.88 18.32
C3 T18 C . -12.58 -8.12 16.36
C4 T18 C . -11.33 -7.58 18.79
C5 T18 C . -12.53 -6.79 16.83
C6 T18 C . -11.88 -6.55 18.05
S7 T18 C . -11.72 -4.89 18.64
C8 T18 C . -12.95 -4.01 17.71
C9 T18 C . -13.42 -4.50 16.54
N10 T18 C . -13.09 -5.76 16.07
N11 T18 C . -10.80 -9.96 19.06
S12 T18 C . -9.58 -9.85 20.19
C13 T18 C . -10.47 -9.56 21.75
O14 T18 C . -8.99 -11.15 20.20
O15 T18 C . -8.74 -8.77 19.80
O16 T18 C . -12.06 -4.91 20.03
O17 T18 C . -10.40 -4.46 18.25
C18 T18 C . -17.61 -0.03 15.83
C19 T18 C . -18.39 -0.66 14.83
C20 T18 C . -17.98 -1.88 14.32
C21 T18 C . -16.45 -0.59 16.28
C22 T18 C . -15.98 -1.78 15.69
C23 T18 C . -16.76 -2.45 14.74
N24 T18 C . -16.36 -3.68 14.27
C25 T18 C . -15.34 -4.36 14.88
C26 T18 C . -14.52 -3.74 15.90
C27 T18 C . -14.80 -2.42 16.26
F28 T18 C . -17.99 1.13 16.34
O29 T18 C . -14.08 -1.70 17.16
C30 T18 C . -17.16 -4.30 13.19
O31 T18 C . -15.06 -5.50 14.47
C32 T18 C . -16.55 -3.76 11.92
C33 T18 C . -15.24 -4.10 11.60
C34 T18 C . -15.36 -2.78 9.60
C35 T18 C . -16.68 -2.43 9.89
C36 T18 C . -14.64 -3.62 10.45
C37 T18 C . -17.28 -2.94 11.06
F38 T18 C . -14.74 -2.31 8.48
NI NI D . 7.22 -29.44 6.66
C1 T18 E . 14.21 8.43 -20.92
C2 T18 E . 12.82 8.41 -20.77
C3 T18 E . 14.98 7.32 -20.54
C4 T18 E . 12.21 7.28 -20.24
C5 T18 E . 14.35 6.17 -20.05
C6 T18 E . 12.95 6.17 -19.90
S7 T18 E . 12.12 4.73 -19.28
C8 T18 E . 13.41 3.90 -18.41
C9 T18 E . 14.71 4.10 -18.74
N10 T18 E . 15.09 5.04 -19.69
N11 T18 E . 12.03 9.53 -21.11
S12 T18 E . 10.48 9.52 -21.68
C13 T18 E . 9.50 9.75 -20.18
O14 T18 E . 10.39 10.62 -22.57
O15 T18 E . 10.27 8.25 -22.31
O16 T18 E . 11.06 5.06 -18.42
O17 T18 E . 11.75 3.98 -20.45
C18 T18 E . 16.89 0.15 -14.46
C19 T18 E . 18.21 0.61 -14.42
C20 T18 E . 18.60 1.58 -15.31
C21 T18 E . 15.98 0.64 -15.37
C22 T18 E . 16.41 1.60 -16.31
C23 T18 E . 17.72 2.10 -16.27
N24 T18 E . 18.06 3.14 -17.13
C25 T18 E . 17.10 3.82 -17.86
C26 T18 E . 15.74 3.37 -17.92
C27 T18 E . 15.41 2.19 -17.19
F28 T18 E . 16.49 -0.79 -13.62
O29 T18 E . 14.20 1.58 -17.23
C30 T18 E . 19.46 3.61 -17.14
O31 T18 E . 17.43 4.76 -18.54
C32 T18 E . 20.18 2.70 -18.12
C33 T18 E . 19.85 2.73 -19.48
C34 T18 E . 21.47 1.03 -19.97
C35 T18 E . 21.84 0.98 -18.63
C36 T18 E . 20.48 1.92 -20.40
C37 T18 E . 21.18 1.81 -17.71
F38 T18 E . 22.07 0.24 -20.88
NI NI F . 16.11 21.96 -47.15
#